data_4F4B
#
_entry.id   4F4B
#
_cell.length_a   51.123
_cell.length_b   65.397
_cell.length_c   82.314
_cell.angle_alpha   96.560
_cell.angle_beta   100.280
_cell.angle_gamma   95.910
#
_symmetry.space_group_name_H-M   'P 1'
#
loop_
_entity.id
_entity.type
_entity.pdbx_description
1 polymer 'Protein KES1'
2 non-polymer (3beta,9beta,25R)-3-hydroxy-26-iodocholest-5-ene-16,22-dione
3 water water
#
_entity_poly.entity_id   1
_entity_poly.type   'polypeptide(L)'
_entity_poly.pdbx_seq_one_letter_code
;MDPSQYASSSSWTSFLKSIASFNGDLSSLSAPPFILSPISLTEFSQYWAEHPELFLEPSFINDDNYKEHCLIDPEVESPE
LARMLAVTKWFISTLKSQYCSRNESLGSEKKPLNPFLGELFVGKWENKEHPEFGETVLLSEQVSHHPPVTAFSIFNDKNK
VKLQGYNQIKASFTKSLMLTVKQFGHTMLDIKDESYLVTPPPLHIEGILVASPFVELEGKSYIQSSTGLLCVIEFSGRGY
FSGKKNSFKARIYKDSKDSKDKEKALYTISGQWSGSSKIIKANKKEESRLFYDAARIPAEHLNVKPLEEQHPLESRKAWY
DVAGAIKLGDFNLIAKTKTELEETQRELRKEEEAKGISWQRRWFKDFDYSVTPEEGALVPEKDDTFLKLASALNLSTKNA
PSGTLVGDKEDRKEDLSSIHWRFQRELWDEEKEIVL
;
_entity_poly.pdbx_strand_id   A,B
#
loop_
_chem_comp.id
_chem_comp.type
_chem_comp.name
_chem_comp.formula
L39 non-polymer (3beta,9beta,25R)-3-hydroxy-26-iodocholest-5-ene-16,22-dione 'C27 H41 I O3'
#
# COMPACT_ATOMS: atom_id res chain seq x y z
N MET A 1 16.91 -12.54 -8.03
CA MET A 1 16.31 -12.47 -9.41
C MET A 1 15.23 -11.36 -9.51
N ASP A 2 15.48 -10.43 -10.42
CA ASP A 2 14.55 -9.34 -10.69
C ASP A 2 13.32 -9.95 -11.39
N PRO A 3 12.07 -9.39 -11.16
CA PRO A 3 10.86 -9.95 -11.78
C PRO A 3 10.87 -10.00 -13.34
N SER A 4 11.66 -9.12 -13.97
CA SER A 4 11.70 -9.10 -15.45
C SER A 4 12.54 -10.30 -15.95
N GLN A 5 13.27 -10.99 -15.05
CA GLN A 5 13.97 -12.21 -15.43
C GLN A 5 13.11 -13.44 -15.22
N TYR A 6 11.92 -13.30 -14.61
CA TYR A 6 11.10 -14.50 -14.28
C TYR A 6 10.63 -15.31 -15.45
N ALA A 7 10.02 -14.70 -16.47
CA ALA A 7 9.31 -15.52 -17.45
C ALA A 7 10.22 -16.43 -18.26
N SER A 8 11.48 -16.06 -18.38
CA SER A 8 12.34 -16.85 -19.19
C SER A 8 13.37 -17.64 -18.34
N SER A 9 13.19 -17.68 -17.02
CA SER A 9 14.08 -18.42 -16.13
C SER A 9 13.84 -19.93 -16.44
N SER A 10 14.80 -20.79 -16.13
CA SER A 10 14.57 -22.22 -16.18
C SER A 10 13.40 -22.62 -15.25
N SER A 11 13.38 -22.05 -14.03
CA SER A 11 12.35 -22.36 -13.07
C SER A 11 10.98 -22.13 -13.65
N TRP A 12 10.76 -21.00 -14.30
CA TRP A 12 9.45 -20.71 -14.80
C TRP A 12 9.06 -21.59 -15.96
N THR A 13 9.97 -21.79 -16.91
CA THR A 13 9.68 -22.73 -18.00
C THR A 13 9.29 -24.13 -17.45
N SER A 14 10.03 -24.62 -16.46
CA SER A 14 9.79 -25.92 -15.82
C SER A 14 8.43 -25.89 -15.19
N PHE A 15 8.04 -24.76 -14.57
CA PHE A 15 6.70 -24.61 -14.00
C PHE A 15 5.54 -24.74 -15.01
N LEU A 16 5.61 -23.94 -16.08
CA LEU A 16 4.69 -23.98 -17.18
C LEU A 16 4.54 -25.36 -17.81
N LYS A 17 5.66 -26.04 -18.02
CA LYS A 17 5.63 -27.40 -18.57
C LYS A 17 4.85 -28.38 -17.71
N SER A 18 5.01 -28.26 -16.40
CA SER A 18 4.29 -29.11 -15.49
C SER A 18 2.81 -28.81 -15.38
N ILE A 19 2.37 -27.65 -15.87
CA ILE A 19 0.93 -27.38 -16.01
C ILE A 19 0.28 -28.46 -16.89
N ALA A 20 0.97 -28.85 -17.97
CA ALA A 20 0.50 -29.85 -18.96
C ALA A 20 0.03 -31.11 -18.29
N SER A 21 0.59 -31.44 -17.13
CA SER A 21 0.32 -32.66 -16.44
C SER A 21 -0.37 -32.38 -15.12
N PHE A 22 -0.89 -31.16 -14.97
CA PHE A 22 -1.62 -30.72 -13.75
C PHE A 22 -2.63 -31.76 -13.26
N ASN A 23 -2.55 -32.14 -12.01
CA ASN A 23 -3.34 -33.25 -11.53
C ASN A 23 -4.70 -32.80 -10.94
N GLY A 24 -4.98 -31.50 -10.97
CA GLY A 24 -6.27 -31.02 -10.49
C GLY A 24 -6.18 -30.50 -9.08
N ASP A 25 -5.01 -30.65 -8.44
CA ASP A 25 -4.86 -30.19 -7.05
C ASP A 25 -3.89 -29.04 -7.10
N LEU A 26 -4.39 -27.83 -6.89
CA LEU A 26 -3.50 -26.65 -6.95
C LEU A 26 -2.36 -26.71 -5.95
N SER A 27 -2.61 -27.22 -4.72
CA SER A 27 -1.53 -27.28 -3.72
C SER A 27 -0.26 -27.97 -4.23
N SER A 28 -0.40 -28.97 -5.12
CA SER A 28 0.74 -29.69 -5.75
C SER A 28 1.42 -28.93 -6.92
N LEU A 29 0.91 -27.79 -7.33
CA LEU A 29 1.64 -26.95 -8.28
C LEU A 29 3.11 -26.80 -7.83
N SER A 30 4.06 -27.21 -8.66
CA SER A 30 5.44 -27.01 -8.29
C SER A 30 5.95 -25.66 -8.79
N ALA A 31 5.50 -24.64 -8.06
CA ALA A 31 5.85 -23.25 -8.24
C ALA A 31 7.26 -22.89 -7.69
N PRO A 32 8.05 -22.15 -8.47
CA PRO A 32 9.36 -21.69 -7.95
C PRO A 32 9.13 -20.79 -6.72
N PRO A 33 10.08 -20.79 -5.77
CA PRO A 33 10.07 -19.93 -4.57
C PRO A 33 9.71 -18.44 -4.79
N PHE A 34 10.25 -17.82 -5.84
CA PHE A 34 9.89 -16.41 -6.14
C PHE A 34 8.36 -16.16 -6.42
N ILE A 35 7.57 -17.21 -6.69
CA ILE A 35 6.12 -17.03 -6.96
C ILE A 35 5.27 -17.51 -5.75
N LEU A 36 5.95 -17.87 -4.63
CA LEU A 36 5.30 -18.31 -3.40
C LEU A 36 4.92 -17.17 -2.48
N SER A 37 3.67 -17.20 -1.96
CA SER A 37 3.24 -16.31 -0.89
C SER A 37 3.52 -16.83 0.52
N PRO A 38 3.90 -15.96 1.45
CA PRO A 38 4.10 -16.46 2.79
C PRO A 38 2.76 -16.36 3.59
N ILE A 39 1.59 -16.21 2.93
CA ILE A 39 0.26 -16.04 3.65
C ILE A 39 -0.61 -17.28 3.41
N SER A 40 -1.31 -17.75 4.44
CA SER A 40 -2.19 -18.90 4.34
C SER A 40 -3.56 -18.40 3.89
N LEU A 41 -4.27 -19.25 3.14
CA LEU A 41 -5.64 -18.94 2.75
C LEU A 41 -6.65 -18.71 3.92
N THR A 42 -6.40 -19.23 5.13
CA THR A 42 -7.30 -18.88 6.25
C THR A 42 -7.26 -17.40 6.60
N GLU A 43 -6.21 -16.67 6.20
CA GLU A 43 -6.18 -15.26 6.40
C GLU A 43 -7.06 -14.49 5.43
N PHE A 44 -7.46 -15.09 4.31
CA PHE A 44 -8.24 -14.32 3.27
C PHE A 44 -9.59 -13.86 3.81
N SER A 45 -10.12 -14.59 4.80
CA SER A 45 -11.42 -14.18 5.40
C SER A 45 -11.46 -12.73 5.94
N GLN A 46 -10.29 -12.17 6.34
CA GLN A 46 -10.20 -10.79 6.81
C GLN A 46 -10.61 -9.79 5.74
N TYR A 47 -10.51 -10.23 4.49
CA TYR A 47 -10.80 -9.34 3.39
C TYR A 47 -12.26 -8.97 3.19
N TRP A 48 -13.16 -9.63 3.94
CA TRP A 48 -14.57 -9.20 3.97
C TRP A 48 -14.88 -7.93 4.76
N ALA A 49 -13.92 -7.38 5.52
CA ALA A 49 -14.32 -6.21 6.31
C ALA A 49 -13.20 -5.23 6.62
N GLU A 50 -12.31 -5.05 5.67
CA GLU A 50 -11.20 -4.13 5.86
C GLU A 50 -11.61 -2.65 5.82
N HIS A 51 -12.90 -2.37 5.65
CA HIS A 51 -13.37 -0.97 5.77
C HIS A 51 -14.44 -0.98 6.82
N PRO A 52 -13.99 -0.87 8.06
CA PRO A 52 -14.94 -1.16 9.17
C PRO A 52 -16.20 -0.31 9.12
N GLU A 53 -16.06 0.95 8.69
CA GLU A 53 -17.14 1.93 8.67
C GLU A 53 -18.18 1.55 7.63
N LEU A 54 -17.77 0.86 6.57
CA LEU A 54 -18.70 0.43 5.54
C LEU A 54 -19.38 -0.84 5.94
N PHE A 55 -18.64 -1.68 6.66
CA PHE A 55 -19.23 -2.90 7.24
C PHE A 55 -20.40 -2.58 8.18
N LEU A 56 -20.27 -1.51 8.96
CA LEU A 56 -21.14 -1.25 10.06
C LEU A 56 -22.24 -0.30 9.66
N GLU A 57 -22.01 0.43 8.56
CA GLU A 57 -22.89 1.53 8.15
C GLU A 57 -24.42 1.21 8.09
N PRO A 58 -24.79 0.07 7.45
CA PRO A 58 -26.24 -0.28 7.44
C PRO A 58 -26.91 -0.41 8.78
N SER A 59 -26.19 -0.83 9.81
CA SER A 59 -26.78 -0.91 11.16
C SER A 59 -27.16 0.48 11.70
N PHE A 60 -26.67 1.57 11.10
CA PHE A 60 -26.95 2.91 11.69
C PHE A 60 -28.06 3.60 10.95
N ILE A 61 -28.58 2.97 9.91
CA ILE A 61 -29.62 3.55 9.07
C ILE A 61 -30.97 3.08 9.63
N ASN A 62 -31.86 3.99 10.04
CA ASN A 62 -33.20 3.51 10.49
C ASN A 62 -34.34 4.35 9.86
N ASP A 63 -35.58 4.14 10.30
CA ASP A 63 -36.71 4.96 9.88
C ASP A 63 -36.59 6.45 10.13
N ASP A 64 -35.83 6.80 11.14
CA ASP A 64 -35.76 8.21 11.58
C ASP A 64 -34.57 9.04 11.08
N ASN A 65 -33.66 8.35 10.38
CA ASN A 65 -32.52 9.01 9.83
C ASN A 65 -32.13 8.63 8.38
N TYR A 66 -32.87 7.77 7.69
CA TYR A 66 -32.31 7.15 6.42
C TYR A 66 -31.88 8.06 5.23
N LYS A 67 -32.54 9.22 5.11
CA LYS A 67 -32.26 10.18 4.05
C LYS A 67 -30.93 10.93 4.26
N GLU A 68 -30.45 10.84 5.48
CA GLU A 68 -29.21 11.42 5.94
C GLU A 68 -28.09 10.39 5.86
N HIS A 69 -28.36 9.16 5.38
CA HIS A 69 -27.31 8.14 5.17
C HIS A 69 -27.44 7.54 3.79
N CYS A 70 -27.64 8.39 2.79
CA CYS A 70 -27.62 7.95 1.45
C CYS A 70 -27.01 9.12 0.69
N LEU A 71 -25.69 9.14 0.70
CA LEU A 71 -24.89 10.23 0.08
C LEU A 71 -25.22 10.40 -1.38
N ILE A 72 -25.36 9.32 -2.15
CA ILE A 72 -25.71 9.50 -3.58
C ILE A 72 -27.19 9.81 -3.89
N ASP A 73 -28.09 9.67 -2.92
CA ASP A 73 -29.50 9.95 -3.14
C ASP A 73 -30.25 10.37 -1.86
N PRO A 74 -30.21 11.69 -1.53
CA PRO A 74 -30.96 12.19 -0.36
C PRO A 74 -32.44 12.05 -0.38
N GLU A 75 -33.08 11.81 -1.54
CA GLU A 75 -34.50 11.33 -1.62
C GLU A 75 -34.62 9.86 -2.02
N VAL A 76 -33.75 9.02 -1.45
CA VAL A 76 -33.93 7.60 -1.57
C VAL A 76 -35.30 7.26 -0.99
N GLU A 77 -35.96 6.27 -1.59
CA GLU A 77 -37.35 6.03 -1.37
C GLU A 77 -37.64 5.34 -0.02
N SER A 78 -36.68 4.59 0.56
CA SER A 78 -36.96 3.92 1.85
C SER A 78 -35.64 3.57 2.55
N PRO A 79 -35.69 3.34 3.89
CA PRO A 79 -34.55 2.87 4.63
C PRO A 79 -34.05 1.49 4.10
N GLU A 80 -34.97 0.65 3.59
CA GLU A 80 -34.57 -0.71 3.06
C GLU A 80 -33.61 -0.54 1.89
N LEU A 81 -33.95 0.35 0.96
CA LEU A 81 -33.09 0.66 -0.21
C LEU A 81 -31.78 1.42 0.23
N ALA A 82 -31.92 2.35 1.15
CA ALA A 82 -30.71 3.02 1.66
C ALA A 82 -29.73 1.94 2.27
N ARG A 83 -30.27 0.96 3.01
CA ARG A 83 -29.42 -0.12 3.54
C ARG A 83 -28.93 -1.04 2.37
N MET A 84 -29.73 -1.30 1.36
CA MET A 84 -29.19 -2.13 0.24
C MET A 84 -28.05 -1.39 -0.50
N LEU A 85 -28.22 -0.09 -0.72
CA LEU A 85 -27.12 0.75 -1.25
C LEU A 85 -25.82 0.65 -0.44
N ALA A 86 -25.97 0.82 0.87
CA ALA A 86 -24.87 0.62 1.79
C ALA A 86 -24.31 -0.76 1.79
N VAL A 87 -25.13 -1.80 1.60
CA VAL A 87 -24.53 -3.13 1.58
C VAL A 87 -23.82 -3.30 0.27
N THR A 88 -24.41 -2.87 -0.83
CA THR A 88 -23.69 -2.93 -2.06
C THR A 88 -22.33 -2.21 -2.00
N LYS A 89 -22.31 -1.01 -1.45
CA LYS A 89 -21.01 -0.27 -1.35
C LYS A 89 -20.01 -1.09 -0.53
N TRP A 90 -20.48 -1.69 0.60
CA TRP A 90 -19.53 -2.46 1.41
C TRP A 90 -18.94 -3.60 0.62
N PHE A 91 -19.81 -4.26 -0.16
CA PHE A 91 -19.42 -5.42 -0.94
C PHE A 91 -18.40 -5.06 -2.02
N ILE A 92 -18.67 -3.96 -2.69
CA ILE A 92 -17.72 -3.41 -3.67
C ILE A 92 -16.41 -3.08 -2.96
N SER A 93 -16.44 -2.51 -1.76
CA SER A 93 -15.19 -2.18 -1.06
C SER A 93 -14.28 -3.42 -0.67
N THR A 94 -14.87 -4.61 -0.59
CA THR A 94 -14.11 -5.82 -0.24
C THR A 94 -13.31 -6.34 -1.40
N LEU A 95 -13.70 -5.97 -2.62
CA LEU A 95 -13.07 -6.60 -3.77
C LEU A 95 -11.58 -6.36 -3.97
N LYS A 96 -11.19 -5.11 -3.80
CA LYS A 96 -9.80 -4.75 -3.82
C LYS A 96 -8.97 -5.54 -2.77
N SER A 97 -9.46 -5.58 -1.53
CA SER A 97 -8.89 -6.48 -0.48
C SER A 97 -8.75 -7.91 -0.97
N GLN A 98 -9.87 -8.45 -1.39
CA GLN A 98 -9.96 -9.85 -1.76
C GLN A 98 -8.99 -10.14 -2.91
N TYR A 99 -8.98 -9.27 -3.93
CA TYR A 99 -8.36 -9.65 -5.19
C TYR A 99 -7.07 -8.89 -5.59
N CYS A 100 -6.70 -7.84 -4.87
CA CYS A 100 -5.49 -7.04 -5.23
C CYS A 100 -4.42 -6.96 -4.20
N SER A 101 -4.69 -7.48 -2.99
CA SER A 101 -3.80 -7.30 -1.83
C SER A 101 -2.39 -7.83 -2.07
N ARG A 102 -2.29 -9.01 -2.69
CA ARG A 102 -0.94 -9.63 -3.00
C ARG A 102 -0.23 -8.83 -4.08
N ASN A 103 -1.00 -8.32 -5.05
CA ASN A 103 -0.39 -7.43 -6.01
C ASN A 103 0.35 -6.29 -5.39
N GLU A 104 -0.27 -5.64 -4.42
CA GLU A 104 0.30 -4.46 -3.85
C GLU A 104 1.40 -4.85 -2.91
N SER A 105 1.19 -5.92 -2.16
CA SER A 105 2.18 -6.21 -1.08
C SER A 105 3.32 -7.13 -1.51
N LEU A 106 3.13 -7.91 -2.58
CA LEU A 106 4.12 -8.88 -3.04
C LEU A 106 4.56 -8.60 -4.48
N GLY A 107 3.80 -7.78 -5.21
CA GLY A 107 4.09 -7.43 -6.59
C GLY A 107 3.34 -8.18 -7.69
N SER A 108 2.67 -9.29 -7.32
CA SER A 108 1.83 -10.07 -8.21
C SER A 108 1.03 -11.00 -7.29
N GLU A 109 0.06 -11.66 -7.87
CA GLU A 109 -0.56 -12.79 -7.17
C GLU A 109 0.54 -13.84 -7.05
N LYS A 110 0.65 -14.47 -5.89
CA LYS A 110 1.60 -15.51 -5.58
C LYS A 110 0.90 -16.74 -4.94
N LYS A 111 1.48 -17.93 -5.04
CA LYS A 111 0.77 -19.11 -4.55
C LYS A 111 0.66 -19.03 -3.01
N PRO A 112 -0.57 -19.08 -2.44
CA PRO A 112 -0.75 -19.08 -0.99
C PRO A 112 -0.35 -20.39 -0.32
N LEU A 113 -0.21 -20.37 1.00
CA LEU A 113 0.05 -21.57 1.78
C LEU A 113 -1.28 -22.29 1.90
N ASN A 114 -1.27 -23.59 1.56
CA ASN A 114 -2.46 -24.44 1.67
C ASN A 114 -2.71 -24.79 3.15
N PRO A 115 -3.78 -24.29 3.72
CA PRO A 115 -3.85 -24.41 5.21
C PRO A 115 -4.02 -25.85 5.69
N PHE A 116 -3.50 -26.15 6.86
CA PHE A 116 -3.75 -27.49 7.42
C PHE A 116 -5.16 -27.58 8.06
N LEU A 117 -5.73 -28.80 8.05
CA LEU A 117 -7.02 -28.99 8.70
C LEU A 117 -7.00 -28.53 10.13
N GLY A 118 -8.04 -27.78 10.52
CA GLY A 118 -8.09 -27.21 11.85
C GLY A 118 -7.22 -25.98 12.11
N GLU A 119 -6.54 -25.47 11.07
CA GLU A 119 -5.85 -24.20 11.19
C GLU A 119 -6.88 -23.08 11.47
N LEU A 120 -6.44 -22.11 12.26
CA LEU A 120 -7.31 -21.08 12.82
C LEU A 120 -6.65 -19.76 12.59
N PHE A 121 -7.44 -18.75 12.27
CA PHE A 121 -6.96 -17.39 12.18
C PHE A 121 -7.97 -16.43 12.89
N VAL A 122 -7.52 -15.62 13.83
CA VAL A 122 -8.42 -14.75 14.64
C VAL A 122 -7.72 -13.42 14.85
N GLY A 123 -8.53 -12.37 15.01
CA GLY A 123 -8.08 -11.01 15.19
C GLY A 123 -9.30 -10.13 15.42
N LYS A 124 -9.08 -8.82 15.54
CA LYS A 124 -10.17 -7.88 15.76
C LYS A 124 -9.86 -6.52 15.17
N TRP A 125 -10.89 -5.87 14.66
CA TRP A 125 -10.76 -4.46 14.37
C TRP A 125 -11.27 -3.77 15.58
N GLU A 126 -10.40 -3.04 16.26
CA GLU A 126 -10.71 -2.48 17.58
C GLU A 126 -11.48 -1.21 17.44
N ASN A 127 -11.36 -0.55 16.29
CA ASN A 127 -12.10 0.63 15.95
C ASN A 127 -11.97 1.70 17.05
N LYS A 128 -10.74 1.97 17.48
CA LYS A 128 -10.48 2.81 18.65
C LYS A 128 -10.87 4.26 18.41
N GLU A 129 -10.79 4.72 17.18
CA GLU A 129 -11.10 6.11 16.81
C GLU A 129 -12.61 6.41 16.66
N HIS A 130 -13.47 5.40 16.82
CA HIS A 130 -14.92 5.57 16.69
C HIS A 130 -15.61 4.72 17.69
N PRO A 131 -15.76 5.25 18.91
CA PRO A 131 -16.33 4.44 20.00
C PRO A 131 -17.74 3.84 19.71
N GLU A 132 -18.53 4.48 18.85
CA GLU A 132 -19.87 3.98 18.54
C GLU A 132 -19.79 2.67 17.68
N PHE A 133 -18.61 2.39 17.10
CA PHE A 133 -18.40 1.14 16.33
C PHE A 133 -18.33 -0.09 17.26
N GLY A 134 -17.42 0.00 18.25
CA GLY A 134 -17.04 -1.13 19.13
C GLY A 134 -16.16 -2.12 18.34
N GLU A 135 -15.72 -3.19 19.00
CA GLU A 135 -14.83 -4.13 18.40
C GLU A 135 -15.57 -5.10 17.42
N THR A 136 -14.91 -5.44 16.31
CA THR A 136 -15.47 -6.33 15.34
C THR A 136 -14.41 -7.44 15.27
N VAL A 137 -14.90 -8.67 15.42
CA VAL A 137 -14.05 -9.89 15.61
C VAL A 137 -14.13 -10.70 14.37
N LEU A 138 -12.99 -11.28 13.97
CA LEU A 138 -12.89 -12.17 12.83
C LEU A 138 -12.51 -13.58 13.40
N LEU A 139 -13.28 -14.63 13.11
CA LEU A 139 -12.85 -16.01 13.31
C LEU A 139 -12.81 -16.68 11.95
N SER A 140 -11.75 -17.46 11.70
CA SER A 140 -11.57 -18.10 10.41
C SER A 140 -11.00 -19.48 10.69
N GLU A 141 -11.60 -20.49 10.08
CA GLU A 141 -11.20 -21.87 10.39
C GLU A 141 -11.07 -22.68 9.11
N GLN A 142 -9.98 -23.45 8.98
CA GLN A 142 -9.88 -24.41 7.88
C GLN A 142 -10.71 -25.67 8.19
N VAL A 143 -11.97 -25.67 7.76
CA VAL A 143 -12.91 -26.76 8.10
C VAL A 143 -12.71 -28.03 7.24
N SER A 144 -12.01 -27.94 6.11
CA SER A 144 -11.65 -29.10 5.34
C SER A 144 -10.33 -28.85 4.62
N HIS A 145 -9.60 -29.95 4.40
CA HIS A 145 -8.33 -29.96 3.72
C HIS A 145 -8.41 -30.68 2.36
N HIS A 146 -9.24 -31.68 2.28
CA HIS A 146 -9.35 -32.45 1.08
C HIS A 146 -10.83 -32.54 0.79
N PRO A 147 -11.44 -31.58 0.02
CA PRO A 147 -10.88 -30.42 -0.67
C PRO A 147 -10.63 -29.27 0.32
N PRO A 148 -9.80 -28.28 -0.03
CA PRO A 148 -9.67 -27.16 0.91
C PRO A 148 -10.94 -26.30 1.04
N VAL A 149 -11.36 -26.03 2.28
CA VAL A 149 -12.55 -25.26 2.54
C VAL A 149 -12.24 -24.33 3.75
N THR A 150 -12.45 -23.01 3.61
CA THR A 150 -12.30 -22.06 4.70
C THR A 150 -13.65 -21.53 5.14
N ALA A 151 -13.89 -21.44 6.47
CA ALA A 151 -15.19 -20.89 6.93
C ALA A 151 -14.84 -19.75 7.89
N PHE A 152 -15.77 -18.82 8.14
CA PHE A 152 -15.38 -17.60 8.81
C PHE A 152 -16.63 -16.93 9.37
N SER A 153 -16.44 -16.11 10.39
CA SER A 153 -17.51 -15.24 10.88
C SER A 153 -16.86 -13.94 11.26
N ILE A 154 -17.52 -12.83 10.96
CA ILE A 154 -17.05 -11.53 11.36
C ILE A 154 -18.23 -10.90 12.09
N PHE A 155 -18.03 -10.45 13.34
CA PHE A 155 -19.20 -10.05 14.09
C PHE A 155 -18.91 -8.83 14.94
N ASN A 156 -19.90 -7.95 14.99
CA ASN A 156 -19.91 -6.79 15.85
C ASN A 156 -21.14 -6.92 16.80
N ASP A 157 -20.95 -7.40 18.05
CA ASP A 157 -22.02 -7.36 19.06
C ASP A 157 -22.65 -6.02 19.34
N LYS A 158 -21.88 -4.96 19.40
CA LYS A 158 -22.43 -3.66 19.86
C LYS A 158 -23.53 -3.20 18.92
N ASN A 159 -23.26 -3.33 17.62
CA ASN A 159 -24.24 -2.93 16.61
C ASN A 159 -25.07 -4.03 15.96
N LYS A 160 -24.93 -5.27 16.47
CA LYS A 160 -25.68 -6.44 15.95
C LYS A 160 -25.50 -6.63 14.43
N VAL A 161 -24.25 -6.57 14.00
CA VAL A 161 -23.94 -6.85 12.57
C VAL A 161 -23.09 -8.12 12.58
N LYS A 162 -23.55 -9.17 11.93
CA LYS A 162 -22.69 -10.36 11.82
C LYS A 162 -22.73 -10.92 10.43
N LEU A 163 -21.62 -11.55 10.10
CA LEU A 163 -21.42 -12.12 8.77
C LEU A 163 -20.89 -13.55 9.03
N GLN A 164 -21.27 -14.49 8.18
CA GLN A 164 -20.65 -15.80 8.21
C GLN A 164 -20.62 -16.27 6.75
N GLY A 165 -19.72 -17.21 6.49
CA GLY A 165 -19.69 -17.76 5.11
C GLY A 165 -18.65 -18.83 5.03
N TYR A 166 -18.53 -19.46 3.86
CA TYR A 166 -17.43 -20.42 3.68
C TYR A 166 -16.98 -20.31 2.27
N ASN A 167 -15.81 -20.85 1.93
CA ASN A 167 -15.30 -20.72 0.57
C ASN A 167 -14.56 -21.97 0.13
N GLN A 168 -14.75 -22.36 -1.12
CA GLN A 168 -14.01 -23.53 -1.72
C GLN A 168 -13.86 -23.17 -3.20
N ILE A 169 -12.81 -23.65 -3.88
CA ILE A 169 -12.76 -23.42 -5.34
C ILE A 169 -12.55 -24.69 -6.13
N LYS A 170 -12.92 -24.65 -7.40
CA LYS A 170 -12.44 -25.63 -8.36
C LYS A 170 -11.77 -24.88 -9.49
N ALA A 171 -10.70 -25.48 -10.03
CA ALA A 171 -9.83 -24.74 -10.95
C ALA A 171 -9.28 -25.61 -12.08
N SER A 172 -9.16 -25.05 -13.27
CA SER A 172 -8.50 -25.84 -14.29
C SER A 172 -7.80 -24.88 -15.20
N PHE A 173 -6.72 -25.35 -15.80
CA PHE A 173 -6.03 -24.59 -16.82
C PHE A 173 -6.66 -24.69 -18.20
N THR A 174 -6.79 -23.57 -18.88
CA THR A 174 -7.16 -23.63 -20.31
C THR A 174 -5.89 -23.86 -21.11
N LYS A 175 -6.07 -24.07 -22.40
CA LYS A 175 -4.97 -24.40 -23.34
C LYS A 175 -4.05 -23.21 -23.58
N SER A 176 -4.54 -22.00 -23.31
CA SER A 176 -3.68 -20.80 -23.27
C SER A 176 -2.96 -20.59 -21.92
N LEU A 177 -2.90 -21.65 -21.11
CA LEU A 177 -2.41 -21.62 -19.71
C LEU A 177 -3.01 -20.57 -18.78
N MET A 178 -4.22 -20.09 -19.09
CA MET A 178 -5.00 -19.30 -18.15
C MET A 178 -5.68 -20.25 -17.13
N LEU A 179 -5.65 -19.87 -15.87
CA LEU A 179 -6.34 -20.64 -14.82
C LEU A 179 -7.72 -20.04 -14.60
N THR A 180 -8.74 -20.87 -14.86
CA THR A 180 -10.14 -20.57 -14.68
C THR A 180 -10.53 -21.05 -13.26
N VAL A 181 -11.20 -20.18 -12.52
CA VAL A 181 -11.52 -20.55 -11.16
C VAL A 181 -13.00 -20.36 -10.94
N LYS A 182 -13.68 -21.38 -10.44
CA LYS A 182 -15.06 -21.19 -9.95
C LYS A 182 -15.04 -21.21 -8.42
N GLN A 183 -15.69 -20.25 -7.77
CA GLN A 183 -15.79 -20.22 -6.30
C GLN A 183 -17.03 -21.04 -5.90
N PHE A 184 -17.10 -21.53 -4.67
CA PHE A 184 -18.20 -22.37 -4.20
C PHE A 184 -18.41 -21.81 -2.87
N GLY A 185 -19.65 -21.69 -2.43
CA GLY A 185 -19.87 -21.13 -1.08
C GLY A 185 -20.77 -19.92 -1.19
N HIS A 186 -21.10 -19.36 -0.02
CA HIS A 186 -21.85 -18.11 0.00
C HIS A 186 -21.55 -17.47 1.34
N THR A 187 -21.99 -16.21 1.53
CA THR A 187 -21.79 -15.49 2.79
C THR A 187 -23.12 -14.82 3.15
N MET A 188 -23.42 -14.75 4.44
CA MET A 188 -24.64 -14.15 4.88
C MET A 188 -24.33 -13.06 5.87
N LEU A 189 -25.11 -11.99 5.77
CA LEU A 189 -24.87 -10.79 6.57
C LEU A 189 -26.18 -10.38 7.21
N ASP A 190 -26.19 -10.37 8.53
CA ASP A 190 -27.34 -9.93 9.29
C ASP A 190 -27.01 -8.53 9.76
N ILE A 191 -27.93 -7.60 9.53
CA ILE A 191 -27.84 -6.24 10.08
C ILE A 191 -29.06 -6.17 10.99
N LYS A 192 -28.81 -6.35 12.29
CA LYS A 192 -29.91 -6.42 13.28
C LYS A 192 -30.85 -7.51 12.72
N ASP A 193 -32.14 -7.22 12.55
CA ASP A 193 -33.02 -8.29 12.08
C ASP A 193 -33.14 -8.50 10.56
N GLU A 194 -32.39 -7.76 9.76
CA GLU A 194 -32.50 -7.82 8.30
C GLU A 194 -31.34 -8.61 7.67
N SER A 195 -31.56 -9.45 6.64
CA SER A 195 -30.49 -10.33 6.16
C SER A 195 -30.09 -10.21 4.67
N TYR A 196 -28.82 -10.50 4.40
CA TYR A 196 -28.28 -10.34 3.09
C TYR A 196 -27.48 -11.60 2.68
N LEU A 197 -27.69 -12.04 1.47
CA LEU A 197 -27.04 -13.26 0.96
C LEU A 197 -26.17 -12.87 -0.19
N VAL A 198 -24.88 -13.17 -0.08
CA VAL A 198 -23.91 -12.69 -1.03
C VAL A 198 -23.24 -13.94 -1.66
N THR A 199 -23.12 -13.90 -2.99
CA THR A 199 -22.43 -14.96 -3.72
C THR A 199 -21.14 -14.35 -4.34
N PRO A 200 -20.00 -14.94 -4.04
CA PRO A 200 -18.72 -14.55 -4.73
C PRO A 200 -18.75 -14.98 -6.23
N PRO A 201 -18.01 -14.28 -7.08
CA PRO A 201 -18.04 -14.46 -8.52
C PRO A 201 -16.99 -15.50 -9.02
N PRO A 202 -17.19 -16.01 -10.21
CA PRO A 202 -16.11 -16.77 -10.87
C PRO A 202 -14.91 -15.82 -11.26
N LEU A 203 -13.74 -16.38 -11.57
CA LEU A 203 -12.59 -15.52 -11.83
C LEU A 203 -11.54 -16.20 -12.71
N HIS A 204 -10.58 -15.43 -13.25
CA HIS A 204 -9.48 -16.10 -13.94
C HIS A 204 -8.19 -15.43 -13.66
N ILE A 205 -7.11 -16.22 -13.75
CA ILE A 205 -5.82 -15.65 -13.43
C ILE A 205 -5.09 -15.49 -14.73
N GLU A 206 -4.72 -14.25 -15.01
CA GLU A 206 -3.96 -13.92 -16.19
C GLU A 206 -2.51 -13.60 -15.86
N GLY A 207 -1.70 -13.41 -16.89
CA GLY A 207 -0.28 -12.95 -16.78
C GLY A 207 0.64 -14.13 -16.39
N ILE A 208 0.14 -15.35 -16.50
CA ILE A 208 0.91 -16.58 -16.13
C ILE A 208 2.09 -16.83 -17.08
N LEU A 209 1.86 -16.66 -18.39
CA LEU A 209 2.96 -16.77 -19.38
C LEU A 209 4.10 -15.88 -18.99
N VAL A 210 3.77 -14.63 -18.65
CA VAL A 210 4.75 -13.60 -18.36
C VAL A 210 5.23 -13.59 -16.94
N ALA A 211 4.76 -14.56 -16.15
CA ALA A 211 5.21 -14.70 -14.76
C ALA A 211 4.87 -13.49 -13.97
N SER A 212 3.73 -12.87 -14.31
CA SER A 212 3.15 -11.79 -13.49
C SER A 212 1.62 -12.00 -13.27
N PRO A 213 1.24 -13.01 -12.49
CA PRO A 213 -0.16 -13.44 -12.37
C PRO A 213 -0.99 -12.30 -11.78
N PHE A 214 -2.26 -12.20 -12.20
CA PHE A 214 -3.23 -11.28 -11.52
C PHE A 214 -4.64 -11.81 -11.68
N VAL A 215 -5.50 -11.48 -10.76
CA VAL A 215 -6.90 -11.99 -10.82
C VAL A 215 -7.66 -10.97 -11.67
N GLU A 216 -8.51 -11.46 -12.55
CA GLU A 216 -9.64 -10.71 -13.15
C GLU A 216 -10.98 -11.40 -12.85
N LEU A 217 -11.96 -10.63 -12.40
CA LEU A 217 -13.27 -11.20 -12.16
C LEU A 217 -14.09 -11.30 -13.46
N GLU A 218 -15.08 -12.19 -13.46
CA GLU A 218 -16.03 -12.36 -14.58
C GLU A 218 -17.34 -12.84 -13.95
N GLY A 219 -18.32 -13.17 -14.80
CA GLY A 219 -19.66 -13.63 -14.40
C GLY A 219 -20.33 -12.58 -13.47
N LYS A 220 -21.01 -13.06 -12.43
CA LYS A 220 -21.96 -12.25 -11.70
C LYS A 220 -21.84 -12.54 -10.23
N SER A 221 -22.08 -11.53 -9.40
CA SER A 221 -22.34 -11.80 -7.97
C SER A 221 -23.79 -11.33 -7.70
N TYR A 222 -24.43 -11.93 -6.72
CA TYR A 222 -25.77 -11.53 -6.25
C TYR A 222 -25.73 -11.07 -4.82
N ILE A 223 -26.57 -10.09 -4.51
CA ILE A 223 -26.82 -9.72 -3.13
C ILE A 223 -28.32 -9.67 -3.00
N GLN A 224 -28.89 -10.68 -2.34
CA GLN A 224 -30.34 -10.78 -2.09
C GLN A 224 -30.63 -10.48 -0.63
N SER A 225 -31.59 -9.57 -0.45
CA SER A 225 -31.96 -9.15 0.87
C SER A 225 -33.30 -9.77 1.30
N SER A 226 -33.46 -9.98 2.61
CA SER A 226 -34.76 -10.37 3.16
C SER A 226 -35.82 -9.30 2.91
N THR A 227 -35.41 -8.10 2.53
CA THR A 227 -36.42 -7.07 2.17
C THR A 227 -37.05 -7.34 0.79
N GLY A 228 -36.55 -8.36 0.06
CA GLY A 228 -36.93 -8.58 -1.32
C GLY A 228 -36.00 -7.93 -2.33
N LEU A 229 -35.35 -6.83 -1.97
CA LEU A 229 -34.43 -6.17 -2.89
C LEU A 229 -33.22 -7.06 -3.29
N LEU A 230 -32.74 -6.84 -4.52
CA LEU A 230 -31.70 -7.69 -5.17
C LEU A 230 -30.77 -6.78 -5.92
N CYS A 231 -29.47 -6.89 -5.60
CA CYS A 231 -28.43 -6.29 -6.47
C CYS A 231 -27.73 -7.37 -7.29
N VAL A 232 -27.53 -7.10 -8.58
CA VAL A 232 -26.84 -8.06 -9.45
C VAL A 232 -25.61 -7.34 -9.95
N ILE A 233 -24.47 -7.96 -9.73
CA ILE A 233 -23.22 -7.34 -10.10
C ILE A 233 -22.51 -8.15 -11.17
N GLU A 234 -22.12 -7.51 -12.27
CA GLU A 234 -21.55 -8.23 -13.40
C GLU A 234 -20.20 -7.70 -13.60
N PHE A 235 -19.19 -8.57 -13.65
CA PHE A 235 -17.82 -8.12 -13.83
C PHE A 235 -17.26 -8.34 -15.25
N SER A 236 -16.31 -7.48 -15.65
CA SER A 236 -15.48 -7.71 -16.87
C SER A 236 -14.11 -7.07 -16.70
N GLY A 237 -13.16 -7.48 -17.57
CA GLY A 237 -11.85 -6.84 -17.79
C GLY A 237 -11.91 -5.80 -18.93
N ARG A 238 -10.85 -5.02 -19.21
CA ARG A 238 -11.16 -3.70 -19.99
C ARG A 238 -10.26 -2.77 -20.86
N GLY A 239 -8.98 -2.44 -20.55
CA GLY A 239 -8.33 -1.21 -21.12
C GLY A 239 -6.92 -1.24 -21.74
CA LYS A 245 -9.39 -3.08 -15.77
C LYS A 245 -10.19 -3.15 -14.42
N ASN A 246 -10.62 -4.36 -14.04
CA ASN A 246 -11.43 -4.56 -12.82
C ASN A 246 -12.80 -3.81 -12.86
N SER A 247 -13.45 -3.86 -14.00
CA SER A 247 -14.73 -3.17 -14.05
C SER A 247 -15.94 -4.02 -13.66
N PHE A 248 -17.05 -3.31 -13.40
CA PHE A 248 -18.31 -3.95 -13.13
C PHE A 248 -19.43 -3.02 -13.51
N LYS A 249 -20.62 -3.55 -13.50
CA LYS A 249 -21.84 -2.81 -13.60
C LYS A 249 -22.76 -3.52 -12.60
N ALA A 250 -23.37 -2.79 -11.66
CA ALA A 250 -24.30 -3.37 -10.72
C ALA A 250 -25.63 -2.67 -10.94
N ARG A 251 -26.69 -3.44 -10.77
CA ARG A 251 -28.09 -2.96 -10.78
C ARG A 251 -28.85 -3.49 -9.53
N ILE A 252 -29.62 -2.60 -8.92
CA ILE A 252 -30.49 -2.96 -7.85
C ILE A 252 -31.94 -2.93 -8.34
N TYR A 253 -32.67 -3.96 -7.99
CA TYR A 253 -34.07 -4.19 -8.43
C TYR A 253 -34.97 -4.31 -7.24
N LYS A 254 -36.24 -3.90 -7.39
CA LYS A 254 -37.26 -3.98 -6.33
C LYS A 254 -37.41 -5.46 -5.93
N ASP A 255 -37.23 -6.37 -6.87
CA ASP A 255 -37.19 -7.78 -6.54
C ASP A 255 -36.65 -8.61 -7.68
N SER A 256 -36.49 -9.90 -7.41
CA SER A 256 -35.75 -10.74 -8.31
C SER A 256 -36.45 -11.00 -9.64
N LYS A 257 -37.78 -10.98 -9.66
CA LYS A 257 -38.53 -11.02 -10.93
C LYS A 257 -38.14 -9.88 -11.86
N ASP A 258 -38.00 -8.65 -11.31
CA ASP A 258 -37.62 -7.49 -12.10
C ASP A 258 -36.21 -7.63 -12.66
N SER A 259 -35.36 -8.45 -12.03
CA SER A 259 -33.94 -8.49 -12.45
C SER A 259 -33.79 -9.14 -13.82
N LYS A 260 -34.89 -9.66 -14.35
CA LYS A 260 -34.90 -10.28 -15.66
C LYS A 260 -34.92 -9.19 -16.72
N ASP A 261 -35.27 -7.97 -16.33
CA ASP A 261 -35.32 -6.84 -17.28
C ASP A 261 -34.48 -5.65 -16.80
N LYS A 262 -33.36 -5.42 -17.47
CA LYS A 262 -32.39 -4.37 -17.05
C LYS A 262 -32.96 -2.95 -16.89
N GLU A 263 -33.96 -2.61 -17.71
CA GLU A 263 -34.59 -1.29 -17.67
C GLU A 263 -35.47 -1.14 -16.47
N LYS A 264 -35.72 -2.22 -15.71
CA LYS A 264 -36.36 -2.09 -14.37
C LYS A 264 -35.43 -1.73 -13.19
N ALA A 265 -34.15 -1.51 -13.46
CA ALA A 265 -33.21 -1.25 -12.38
C ALA A 265 -33.59 0.08 -11.70
N LEU A 266 -33.64 0.10 -10.38
CA LEU A 266 -33.88 1.29 -9.57
C LEU A 266 -32.62 2.16 -9.62
N TYR A 267 -31.45 1.54 -9.68
CA TYR A 267 -30.19 2.32 -9.81
C TYR A 267 -29.20 1.49 -10.60
N THR A 268 -28.23 2.14 -11.20
CA THR A 268 -27.16 1.48 -11.95
C THR A 268 -25.78 2.05 -11.58
N ILE A 269 -24.89 1.16 -11.18
CA ILE A 269 -23.56 1.54 -10.80
C ILE A 269 -22.60 0.94 -11.83
N SER A 270 -21.59 1.73 -12.19
CA SER A 270 -20.56 1.24 -13.10
C SER A 270 -19.23 1.93 -12.87
N GLY A 271 -18.17 1.16 -13.13
CA GLY A 271 -16.83 1.70 -13.02
C GLY A 271 -15.88 0.57 -12.66
N GLN A 272 -14.85 0.89 -11.88
CA GLN A 272 -13.80 -0.07 -11.49
C GLN A 272 -13.92 -0.32 -10.01
N TRP A 273 -14.10 -1.57 -9.58
CA TRP A 273 -14.01 -1.84 -8.09
C TRP A 273 -12.67 -1.62 -7.43
N SER A 274 -11.61 -1.49 -8.24
CA SER A 274 -10.31 -1.16 -7.68
C SER A 274 -9.96 0.29 -7.91
N GLY A 275 -10.95 1.05 -8.33
CA GLY A 275 -10.84 2.53 -8.54
C GLY A 275 -12.17 3.24 -8.33
N SER A 276 -12.63 4.00 -9.29
CA SER A 276 -13.92 4.64 -9.00
C SER A 276 -15.11 4.18 -9.81
N SER A 277 -16.32 4.37 -9.29
CA SER A 277 -17.53 3.91 -9.95
C SER A 277 -18.60 4.97 -9.72
N LYS A 278 -19.54 5.10 -10.62
CA LYS A 278 -20.55 6.13 -10.40
C LYS A 278 -21.91 5.46 -10.42
N ILE A 279 -22.93 6.16 -9.94
CA ILE A 279 -24.25 5.60 -9.92
C ILE A 279 -25.25 6.56 -10.56
N ILE A 280 -26.28 5.99 -11.19
CA ILE A 280 -27.40 6.70 -11.80
C ILE A 280 -28.70 6.08 -11.30
N LYS A 281 -29.67 6.91 -11.06
CA LYS A 281 -30.95 6.47 -10.59
C LYS A 281 -31.92 6.45 -11.80
N ALA A 282 -32.81 5.45 -11.83
CA ALA A 282 -34.03 5.42 -12.72
C ALA A 282 -33.84 5.93 -14.15
N SER A 288 -25.66 11.55 -12.63
CA SER A 288 -24.75 10.59 -11.97
C SER A 288 -23.94 11.16 -10.81
N ARG A 289 -23.55 10.31 -9.85
CA ARG A 289 -22.78 10.74 -8.70
C ARG A 289 -21.69 9.71 -8.41
N LEU A 290 -20.62 10.11 -7.69
CA LEU A 290 -19.55 9.20 -7.24
C LEU A 290 -20.15 8.21 -6.22
N PHE A 291 -20.01 6.90 -6.48
CA PHE A 291 -20.49 5.91 -5.56
C PHE A 291 -19.38 5.37 -4.62
N TYR A 292 -18.24 4.91 -5.20
CA TYR A 292 -17.12 4.43 -4.36
C TYR A 292 -15.81 4.76 -5.04
N ASP A 293 -14.84 5.20 -4.24
CA ASP A 293 -13.50 5.46 -4.82
C ASP A 293 -12.43 4.73 -4.01
N ALA A 294 -12.00 3.60 -4.56
CA ALA A 294 -11.18 2.69 -3.81
C ALA A 294 -9.84 3.34 -3.46
N ALA A 295 -9.39 4.25 -4.32
CA ALA A 295 -8.13 4.92 -4.11
C ALA A 295 -8.14 5.97 -2.99
N ARG A 296 -9.35 6.46 -2.60
CA ARG A 296 -9.50 7.44 -1.54
C ARG A 296 -9.65 6.86 -0.15
N ILE A 297 -9.81 5.53 -0.07
CA ILE A 297 -10.25 4.87 1.16
C ILE A 297 -9.29 3.72 1.57
N PRO A 298 -8.23 4.02 2.32
CA PRO A 298 -7.20 3.00 2.61
C PRO A 298 -7.80 1.83 3.44
N ALA A 299 -7.36 0.59 3.17
CA ALA A 299 -7.75 -0.57 3.94
C ALA A 299 -7.31 -0.36 5.40
N GLU A 300 -8.07 -0.87 6.37
CA GLU A 300 -7.65 -0.94 7.80
C GLU A 300 -7.41 -2.42 8.19
N HIS A 301 -6.18 -2.74 8.59
CA HIS A 301 -5.82 -4.17 8.80
C HIS A 301 -6.26 -4.63 10.15
N LEU A 302 -6.80 -5.85 10.25
CA LEU A 302 -7.18 -6.32 11.60
C LEU A 302 -5.98 -6.36 12.56
N ASN A 303 -6.26 -6.22 13.84
CA ASN A 303 -5.24 -6.35 14.92
C ASN A 303 -5.10 -7.83 15.22
N VAL A 304 -3.90 -8.36 15.08
CA VAL A 304 -3.68 -9.78 15.37
C VAL A 304 -2.73 -9.81 16.58
N LYS A 305 -2.91 -10.76 17.48
CA LYS A 305 -2.07 -10.75 18.65
C LYS A 305 -0.58 -11.10 18.34
N PRO A 306 0.36 -10.67 19.22
CA PRO A 306 1.79 -10.86 18.88
C PRO A 306 2.09 -12.34 18.67
N LEU A 307 3.05 -12.69 17.81
CA LEU A 307 3.39 -14.11 17.62
C LEU A 307 3.66 -14.93 18.89
N GLU A 308 4.36 -14.32 19.86
CA GLU A 308 4.77 -15.00 21.11
C GLU A 308 3.56 -15.37 21.91
N GLU A 309 2.46 -14.63 21.73
CA GLU A 309 1.22 -14.89 22.42
C GLU A 309 0.26 -15.77 21.59
N GLN A 310 0.69 -16.27 20.43
CA GLN A 310 -0.25 -17.08 19.60
C GLN A 310 -0.29 -18.53 19.97
N HIS A 311 -1.49 -19.14 19.97
CA HIS A 311 -1.60 -20.61 20.08
C HIS A 311 -1.03 -21.31 18.88
N PRO A 312 -0.41 -22.48 19.09
CA PRO A 312 0.21 -23.04 17.89
C PRO A 312 -0.79 -23.50 16.76
N LEU A 313 -2.10 -23.52 16.98
CA LEU A 313 -3.05 -23.78 15.84
C LEU A 313 -3.17 -22.54 14.90
N GLU A 314 -2.86 -21.38 15.45
CA GLU A 314 -3.09 -20.16 14.73
C GLU A 314 -2.10 -19.99 13.61
N SER A 315 -2.64 -19.51 12.50
CA SER A 315 -1.96 -19.55 11.20
C SER A 315 -0.54 -18.95 11.18
N ARG A 316 -0.37 -17.72 11.64
CA ARG A 316 0.93 -17.11 11.47
C ARG A 316 1.97 -17.77 12.34
N LYS A 317 1.54 -18.22 13.53
CA LYS A 317 2.40 -19.01 14.41
C LYS A 317 2.76 -20.33 13.79
N ALA A 318 1.73 -21.06 13.32
CA ALA A 318 1.97 -22.31 12.67
C ALA A 318 2.92 -22.25 11.47
N TRP A 319 2.78 -21.24 10.59
CA TRP A 319 3.58 -21.13 9.36
C TRP A 319 4.82 -20.29 9.42
N TYR A 320 5.20 -19.84 10.62
CA TYR A 320 6.33 -18.89 10.82
C TYR A 320 7.67 -19.22 10.15
N ASP A 321 8.13 -20.45 10.36
CA ASP A 321 9.40 -20.90 9.83
C ASP A 321 9.32 -21.12 8.32
N VAL A 322 8.18 -21.64 7.86
CA VAL A 322 7.91 -21.71 6.43
C VAL A 322 7.93 -20.32 5.73
N ALA A 323 7.14 -19.38 6.24
CA ALA A 323 7.20 -17.98 5.82
C ALA A 323 8.64 -17.41 5.80
N GLY A 324 9.43 -17.61 6.87
CA GLY A 324 10.84 -17.15 6.88
C GLY A 324 11.68 -17.70 5.73
N ALA A 325 11.46 -18.96 5.36
CA ALA A 325 12.18 -19.65 4.27
C ALA A 325 11.76 -19.26 2.83
N ILE A 326 10.52 -18.83 2.70
CA ILE A 326 9.98 -18.41 1.44
C ILE A 326 10.61 -17.03 1.17
N LYS A 327 10.58 -16.16 2.19
CA LYS A 327 11.20 -14.82 2.16
C LYS A 327 12.69 -14.84 1.79
N LEU A 328 13.40 -15.87 2.22
CA LEU A 328 14.78 -16.11 1.79
C LEU A 328 14.82 -16.73 0.39
N GLY A 329 13.75 -17.37 -0.04
CA GLY A 329 13.69 -18.04 -1.33
C GLY A 329 14.55 -19.28 -1.34
N ASP A 330 14.69 -19.93 -0.20
CA ASP A 330 15.60 -21.08 -0.07
C ASP A 330 14.86 -22.42 -0.26
N PHE A 331 15.12 -23.10 -1.37
CA PHE A 331 14.43 -24.37 -1.79
C PHE A 331 14.45 -25.44 -0.72
N ASN A 332 15.65 -25.69 -0.16
CA ASN A 332 15.89 -26.74 0.79
C ASN A 332 15.20 -26.46 2.06
N LEU A 333 15.42 -25.22 2.49
CA LEU A 333 14.92 -24.74 3.74
C LEU A 333 13.39 -24.71 3.75
N ILE A 334 12.76 -24.40 2.61
CA ILE A 334 11.29 -24.46 2.45
C ILE A 334 10.77 -25.89 2.59
N ALA A 335 11.36 -26.78 1.79
CA ALA A 335 11.07 -28.20 1.87
C ALA A 335 11.23 -28.72 3.30
N LYS A 336 12.35 -28.35 3.97
CA LYS A 336 12.58 -28.83 5.37
C LYS A 336 11.55 -28.27 6.39
N THR A 337 11.34 -26.94 6.39
CA THR A 337 10.38 -26.29 7.31
C THR A 337 8.95 -26.83 7.12
N LYS A 338 8.56 -27.10 5.86
CA LYS A 338 7.28 -27.76 5.55
C LYS A 338 7.13 -29.14 6.23
N THR A 339 8.15 -30.00 6.13
CA THR A 339 8.10 -31.31 6.84
C THR A 339 8.08 -31.16 8.38
N GLU A 340 8.84 -30.23 8.93
CA GLU A 340 8.72 -30.01 10.38
C GLU A 340 7.32 -29.50 10.76
N LEU A 341 6.75 -28.61 9.94
CA LEU A 341 5.38 -28.14 10.20
C LEU A 341 4.38 -29.31 10.25
N GLU A 342 4.50 -30.23 9.30
CA GLU A 342 3.63 -31.39 9.27
C GLU A 342 3.72 -32.30 10.50
N GLU A 343 4.94 -32.52 10.97
CA GLU A 343 5.13 -33.30 12.20
C GLU A 343 4.61 -32.53 13.47
N THR A 344 4.94 -31.26 13.59
CA THR A 344 4.37 -30.42 14.66
C THR A 344 2.85 -30.55 14.67
N GLN A 345 2.20 -30.44 13.51
CA GLN A 345 0.72 -30.37 13.51
C GLN A 345 0.09 -31.69 13.83
N ARG A 346 0.65 -32.77 13.29
CA ARG A 346 0.24 -34.11 13.69
C ARG A 346 0.35 -34.22 15.23
N GLU A 347 1.53 -33.93 15.77
CA GLU A 347 1.78 -33.93 17.24
C GLU A 347 0.83 -32.98 18.01
N LEU A 348 0.50 -31.83 17.40
CA LEU A 348 -0.42 -30.90 18.03
C LEU A 348 -1.80 -31.51 18.13
N ARG A 349 -2.20 -32.20 17.07
CA ARG A 349 -3.57 -32.76 17.04
C ARG A 349 -3.72 -33.86 18.10
N LYS A 350 -2.72 -34.72 18.19
CA LYS A 350 -2.69 -35.75 19.20
C LYS A 350 -2.96 -35.16 20.56
N GLU A 351 -2.34 -34.03 20.86
CA GLU A 351 -2.51 -33.34 22.16
C GLU A 351 -3.89 -32.71 22.38
N GLU A 352 -4.47 -32.16 21.31
CA GLU A 352 -5.82 -31.64 21.34
C GLU A 352 -6.75 -32.75 21.77
N GLU A 353 -6.56 -33.91 21.12
CA GLU A 353 -7.36 -35.10 21.27
C GLU A 353 -7.26 -35.71 22.67
N ALA A 354 -6.03 -35.84 23.18
CA ALA A 354 -5.78 -36.23 24.59
C ALA A 354 -6.47 -35.32 25.63
N LYS A 355 -6.65 -34.05 25.29
CA LYS A 355 -7.29 -33.13 26.21
C LYS A 355 -8.78 -33.05 26.00
N GLY A 356 -9.29 -33.91 25.14
CA GLY A 356 -10.69 -33.93 24.82
C GLY A 356 -11.16 -32.70 24.03
N ILE A 357 -10.29 -32.12 23.21
CA ILE A 357 -10.66 -30.89 22.45
C ILE A 357 -10.97 -31.25 21.01
N SER A 358 -12.15 -30.85 20.55
CA SER A 358 -12.48 -31.08 19.17
C SER A 358 -11.72 -30.08 18.30
N TRP A 359 -10.74 -30.52 17.52
CA TRP A 359 -10.01 -29.56 16.69
C TRP A 359 -10.54 -29.49 15.25
N GLN A 360 -11.50 -30.35 14.93
CA GLN A 360 -12.04 -30.48 13.59
C GLN A 360 -13.29 -29.70 13.30
N ARG A 361 -14.29 -29.73 14.10
CA ARG A 361 -15.42 -28.88 13.58
C ARG A 361 -15.60 -27.90 14.68
N ARG A 362 -14.54 -27.11 14.85
CA ARG A 362 -14.29 -26.36 16.05
C ARG A 362 -15.33 -25.27 16.32
N TRP A 363 -15.65 -24.46 15.32
CA TRP A 363 -16.55 -23.32 15.46
C TRP A 363 -17.64 -23.31 14.42
N PHE A 364 -17.56 -24.24 13.46
CA PHE A 364 -18.49 -24.35 12.37
C PHE A 364 -18.89 -25.81 12.19
N LYS A 365 -20.14 -26.01 11.78
CA LYS A 365 -20.64 -27.38 11.54
C LYS A 365 -21.16 -27.52 10.14
N ASP A 366 -21.05 -28.71 9.58
CA ASP A 366 -21.48 -28.93 8.22
C ASP A 366 -22.93 -29.38 8.22
N PHE A 367 -23.86 -28.48 7.89
CA PHE A 367 -25.29 -28.78 7.80
C PHE A 367 -25.71 -29.40 6.47
N ASP A 368 -26.65 -30.31 6.54
CA ASP A 368 -27.08 -31.00 5.35
C ASP A 368 -28.44 -30.45 4.92
N TYR A 369 -28.47 -29.77 3.78
CA TYR A 369 -29.67 -29.16 3.21
C TYR A 369 -30.26 -30.05 2.14
N SER A 370 -29.73 -31.27 1.92
CA SER A 370 -30.30 -32.13 0.83
C SER A 370 -31.64 -32.73 1.27
N VAL A 371 -32.39 -33.22 0.31
CA VAL A 371 -33.63 -33.89 0.70
C VAL A 371 -33.38 -35.24 1.36
N THR A 372 -32.16 -35.77 1.31
CA THR A 372 -31.88 -37.06 1.97
C THR A 372 -30.78 -37.06 3.01
N PRO A 373 -30.97 -36.36 4.15
CA PRO A 373 -29.92 -36.31 5.13
C PRO A 373 -29.69 -37.67 5.82
N GLU A 374 -28.54 -37.85 6.42
CA GLU A 374 -28.39 -39.05 7.20
C GLU A 374 -29.03 -38.93 8.56
N GLU A 375 -29.61 -40.04 9.00
CA GLU A 375 -30.33 -40.18 10.30
C GLU A 375 -29.97 -39.12 11.35
N GLY A 376 -28.73 -39.08 11.82
CA GLY A 376 -28.43 -38.08 12.88
C GLY A 376 -27.86 -36.73 12.43
N ALA A 377 -28.07 -36.37 11.17
CA ALA A 377 -27.32 -35.23 10.63
C ALA A 377 -27.85 -33.89 11.08
N LEU A 378 -26.96 -32.88 11.14
CA LEU A 378 -27.37 -31.46 11.31
C LEU A 378 -28.19 -30.98 10.10
N VAL A 379 -29.38 -30.45 10.33
CA VAL A 379 -30.23 -30.01 9.22
C VAL A 379 -30.68 -28.62 9.51
N PRO A 380 -31.14 -27.89 8.50
CA PRO A 380 -31.66 -26.54 8.73
C PRO A 380 -32.96 -26.49 9.52
N GLU A 381 -33.14 -25.46 10.35
CA GLU A 381 -34.38 -25.29 11.13
C GLU A 381 -35.33 -24.66 10.16
N LYS A 382 -36.64 -24.66 10.49
CA LYS A 382 -37.72 -24.31 9.52
C LYS A 382 -37.54 -22.98 8.80
N ASP A 383 -37.22 -21.95 9.58
CA ASP A 383 -37.17 -20.56 9.11
C ASP A 383 -35.74 -20.18 8.66
N ASP A 384 -34.98 -21.13 8.13
CA ASP A 384 -33.53 -20.96 7.94
C ASP A 384 -33.33 -19.79 7.03
N THR A 385 -32.39 -18.92 7.36
CA THR A 385 -32.17 -17.70 6.57
C THR A 385 -31.77 -18.00 5.16
N PHE A 386 -30.82 -18.93 5.03
CA PHE A 386 -30.41 -19.35 3.68
C PHE A 386 -31.51 -19.87 2.71
N LEU A 387 -32.35 -20.78 3.18
CA LEU A 387 -33.49 -21.26 2.38
C LEU A 387 -34.36 -20.08 1.97
N LYS A 388 -34.59 -19.15 2.88
CA LYS A 388 -35.56 -18.12 2.51
C LYS A 388 -34.97 -17.11 1.47
N LEU A 389 -33.69 -16.81 1.58
CA LEU A 389 -33.03 -15.87 0.65
C LEU A 389 -32.77 -16.56 -0.71
N ALA A 390 -32.41 -17.85 -0.70
CA ALA A 390 -32.14 -18.61 -1.94
C ALA A 390 -33.47 -18.76 -2.68
N SER A 391 -34.55 -18.92 -1.93
CA SER A 391 -35.83 -19.07 -2.57
C SER A 391 -36.16 -17.73 -3.19
N ALA A 392 -35.90 -16.60 -2.49
CA ALA A 392 -36.23 -15.28 -3.08
C ALA A 392 -35.53 -15.07 -4.43
N LEU A 393 -34.27 -15.50 -4.48
CA LEU A 393 -33.41 -15.35 -5.65
C LEU A 393 -33.52 -16.45 -6.69
N ASN A 394 -34.25 -17.53 -6.37
CA ASN A 394 -34.23 -18.75 -7.18
C ASN A 394 -32.81 -19.39 -7.31
N LEU A 395 -32.05 -19.29 -6.22
CA LEU A 395 -30.67 -19.76 -6.17
C LEU A 395 -30.69 -21.21 -5.78
N SER A 396 -29.88 -22.01 -6.46
CA SER A 396 -29.75 -23.44 -6.12
C SER A 396 -29.16 -23.55 -4.70
N THR A 397 -29.70 -24.49 -3.90
CA THR A 397 -29.18 -24.76 -2.55
C THR A 397 -28.17 -25.97 -2.54
N LYS A 398 -27.73 -26.41 -3.71
CA LYS A 398 -26.79 -27.48 -3.74
C LYS A 398 -25.31 -26.93 -3.77
N ASN A 399 -24.36 -27.84 -3.65
CA ASN A 399 -22.96 -27.52 -3.86
C ASN A 399 -22.59 -27.25 -5.33
N ALA A 400 -23.31 -26.35 -5.99
CA ALA A 400 -22.96 -25.85 -7.32
C ALA A 400 -22.07 -24.61 -7.20
N PRO A 401 -21.40 -24.15 -8.32
CA PRO A 401 -20.57 -22.92 -8.30
C PRO A 401 -21.44 -21.79 -7.71
N SER A 402 -20.83 -20.86 -6.97
CA SER A 402 -21.57 -19.77 -6.36
C SER A 402 -22.43 -19.03 -7.36
N GLY A 403 -23.70 -18.75 -7.01
CA GLY A 403 -24.56 -17.96 -7.86
C GLY A 403 -25.37 -18.82 -8.86
N THR A 404 -25.16 -20.15 -8.77
CA THR A 404 -25.82 -21.05 -9.65
C THR A 404 -27.36 -20.96 -9.36
N LEU A 405 -28.16 -20.77 -10.40
CA LEU A 405 -29.60 -20.63 -10.21
C LEU A 405 -30.28 -21.96 -10.36
N VAL A 406 -31.47 -22.08 -9.79
CA VAL A 406 -32.22 -23.35 -9.92
C VAL A 406 -32.50 -23.60 -11.40
N GLY A 407 -32.20 -24.83 -11.85
CA GLY A 407 -32.42 -25.22 -13.22
C GLY A 407 -31.31 -24.82 -14.16
N ASP A 408 -30.26 -24.18 -13.65
CA ASP A 408 -29.00 -24.08 -14.38
C ASP A 408 -28.47 -25.51 -14.62
N LYS A 409 -27.64 -25.69 -15.64
CA LYS A 409 -26.94 -26.98 -15.90
C LYS A 409 -26.36 -27.57 -14.62
N GLU A 410 -25.53 -26.78 -13.91
CA GLU A 410 -24.83 -27.24 -12.68
C GLU A 410 -25.81 -27.73 -11.59
N ASP A 411 -27.03 -27.22 -11.58
CA ASP A 411 -28.02 -27.57 -10.57
C ASP A 411 -28.83 -28.79 -11.04
N LEU A 416 -25.50 -34.76 -6.70
CA LEU A 416 -24.80 -33.54 -6.10
C LEU A 416 -25.23 -33.22 -4.67
N SER A 417 -24.25 -33.02 -3.74
CA SER A 417 -24.58 -32.80 -2.34
C SER A 417 -25.03 -31.37 -2.12
N SER A 418 -25.47 -31.11 -0.87
CA SER A 418 -25.95 -29.76 -0.41
C SER A 418 -25.44 -29.56 1.03
N ILE A 419 -24.12 -29.66 1.22
CA ILE A 419 -23.54 -29.52 2.54
C ILE A 419 -23.06 -28.04 2.75
N HIS A 420 -23.51 -27.34 3.79
CA HIS A 420 -23.07 -25.90 4.02
C HIS A 420 -22.52 -25.68 5.42
N TRP A 421 -21.37 -24.99 5.57
CA TRP A 421 -20.76 -24.72 6.88
C TRP A 421 -21.52 -23.56 7.51
N ARG A 422 -21.82 -23.65 8.82
CA ARG A 422 -22.55 -22.62 9.57
C ARG A 422 -21.84 -22.43 10.89
N PHE A 423 -21.67 -21.15 11.26
CA PHE A 423 -20.99 -20.72 12.45
C PHE A 423 -21.88 -21.05 13.63
N GLN A 424 -21.29 -21.57 14.70
CA GLN A 424 -22.09 -21.77 15.94
C GLN A 424 -21.49 -20.87 17.00
N ARG A 425 -22.14 -19.75 17.32
CA ARG A 425 -21.57 -18.76 18.22
C ARG A 425 -21.17 -19.40 19.57
N GLU A 426 -21.99 -20.32 20.07
CA GLU A 426 -21.76 -20.96 21.39
C GLU A 426 -20.40 -21.64 21.47
N LEU A 427 -19.95 -22.18 20.33
CA LEU A 427 -18.65 -22.88 20.29
C LEU A 427 -17.47 -21.95 20.49
N TRP A 428 -17.69 -20.69 20.14
CA TRP A 428 -16.66 -19.70 20.33
C TRP A 428 -16.79 -19.09 21.73
N ASP A 429 -18.01 -18.93 22.22
CA ASP A 429 -18.26 -18.50 23.60
C ASP A 429 -17.71 -19.53 24.61
N GLU A 430 -17.68 -20.80 24.26
CA GLU A 430 -17.15 -21.84 25.15
C GLU A 430 -15.86 -22.45 24.63
N GLU A 431 -15.21 -21.77 23.70
CA GLU A 431 -13.88 -22.11 23.19
C GLU A 431 -12.89 -22.40 24.37
N LYS A 432 -12.11 -23.46 24.24
CA LYS A 432 -11.30 -23.93 25.36
C LYS A 432 -9.86 -23.36 25.44
N GLU A 433 -9.42 -22.68 24.37
CA GLU A 433 -8.03 -22.31 24.21
C GLU A 433 -7.76 -20.93 23.61
N ILE A 434 -8.38 -20.68 22.45
CA ILE A 434 -8.09 -19.53 21.60
C ILE A 434 -8.72 -18.27 22.17
N VAL A 435 -7.90 -17.24 22.33
CA VAL A 435 -8.42 -15.89 22.67
C VAL A 435 -8.05 -14.86 21.63
N LEU A 436 -8.61 -13.67 21.78
CA LEU A 436 -8.27 -12.56 20.88
C LEU A 436 -7.18 -11.62 21.44
N MET B 1 -16.84 12.80 8.08
CA MET B 1 -17.44 12.91 6.71
C MET B 1 -16.77 11.98 5.69
N ASP B 2 -17.54 11.47 4.75
CA ASP B 2 -17.02 10.78 3.58
C ASP B 2 -16.28 11.79 2.66
N PRO B 3 -15.16 11.35 2.02
CA PRO B 3 -14.44 12.21 1.05
C PRO B 3 -15.29 12.85 0.00
N SER B 4 -16.36 12.16 -0.45
CA SER B 4 -17.25 12.76 -1.42
C SER B 4 -17.95 14.03 -0.91
N GLN B 5 -18.03 14.21 0.39
CA GLN B 5 -18.53 15.44 1.02
C GLN B 5 -17.50 16.56 1.22
N TYR B 6 -16.23 16.25 1.04
CA TYR B 6 -15.22 17.31 1.22
C TYR B 6 -15.40 18.58 0.42
N ALA B 7 -15.50 18.51 -0.90
CA ALA B 7 -15.38 19.71 -1.75
C ALA B 7 -16.55 20.71 -1.62
N SER B 8 -17.74 20.20 -1.26
CA SER B 8 -18.89 21.06 -0.97
C SER B 8 -19.05 21.43 0.51
N SER B 9 -18.20 20.93 1.38
CA SER B 9 -18.31 21.25 2.83
C SER B 9 -18.06 22.76 3.09
N SER B 10 -18.64 23.28 4.20
CA SER B 10 -18.30 24.59 4.71
C SER B 10 -16.76 24.67 4.93
N SER B 11 -16.21 23.64 5.55
CA SER B 11 -14.79 23.65 5.84
C SER B 11 -13.95 23.89 4.59
N TRP B 12 -14.26 23.15 3.52
CA TRP B 12 -13.49 23.28 2.30
C TRP B 12 -13.69 24.62 1.62
N THR B 13 -14.93 25.10 1.52
CA THR B 13 -15.08 26.45 0.91
C THR B 13 -14.24 27.50 1.72
N SER B 14 -14.28 27.45 3.04
CA SER B 14 -13.55 28.43 3.82
C SER B 14 -12.06 28.36 3.60
N PHE B 15 -11.57 27.11 3.48
CA PHE B 15 -10.18 26.90 3.13
C PHE B 15 -9.86 27.48 1.75
N LEU B 16 -10.66 27.16 0.72
CA LEU B 16 -10.42 27.74 -0.62
C LEU B 16 -10.38 29.28 -0.55
N LYS B 17 -11.34 29.85 0.15
CA LYS B 17 -11.37 31.32 0.23
C LYS B 17 -10.15 31.88 0.95
N SER B 18 -9.69 31.19 1.98
CA SER B 18 -8.53 31.64 2.73
C SER B 18 -7.31 31.68 1.82
N ILE B 19 -7.31 30.89 0.75
CA ILE B 19 -6.17 30.88 -0.19
C ILE B 19 -5.91 32.21 -0.88
N ALA B 20 -6.95 33.07 -0.98
CA ALA B 20 -6.87 34.32 -1.74
C ALA B 20 -6.00 35.23 -0.95
N SER B 21 -5.89 34.99 0.34
CA SER B 21 -5.02 35.83 1.12
C SER B 21 -3.80 35.04 1.56
N PHE B 22 -3.38 34.04 0.76
CA PHE B 22 -2.15 33.28 1.07
C PHE B 22 -0.93 34.21 1.31
N ASN B 23 -0.27 34.04 2.44
CA ASN B 23 0.88 34.84 2.85
C ASN B 23 2.24 34.37 2.29
N GLY B 24 2.27 33.19 1.65
CA GLY B 24 3.56 32.59 1.21
C GLY B 24 4.05 31.50 2.17
N ASP B 25 3.43 31.42 3.35
CA ASP B 25 3.84 30.39 4.34
C ASP B 25 2.84 29.23 4.39
N LEU B 26 3.23 28.10 3.79
CA LEU B 26 2.34 26.94 3.71
C LEU B 26 1.93 26.43 5.11
N SER B 27 2.87 26.53 6.07
CA SER B 27 2.62 26.22 7.47
C SER B 27 1.29 26.82 7.98
N SER B 28 1.05 28.08 7.62
CA SER B 28 -0.16 28.79 8.00
C SER B 28 -1.42 28.46 7.20
N LEU B 29 -1.39 27.57 6.19
CA LEU B 29 -2.68 27.24 5.53
C LEU B 29 -3.72 26.79 6.57
N SER B 30 -4.92 27.37 6.49
CA SER B 30 -5.96 27.03 7.44
C SER B 30 -6.75 25.81 6.95
N ALA B 31 -6.09 24.66 6.96
CA ALA B 31 -6.59 23.42 6.35
C ALA B 31 -7.52 22.74 7.33
N PRO B 32 -8.64 22.22 6.85
CA PRO B 32 -9.52 21.47 7.79
C PRO B 32 -8.84 20.15 8.24
N PRO B 33 -9.15 19.70 9.48
CA PRO B 33 -8.61 18.44 10.07
C PRO B 33 -8.68 17.21 9.12
N PHE B 34 -9.74 17.07 8.28
CA PHE B 34 -9.80 15.90 7.38
C PHE B 34 -8.69 15.91 6.30
N ILE B 35 -7.99 17.06 6.13
CA ILE B 35 -6.97 17.13 5.12
C ILE B 35 -5.61 17.26 5.76
N LEU B 36 -5.55 17.02 7.07
CA LEU B 36 -4.29 17.07 7.81
C LEU B 36 -3.64 15.68 7.83
N SER B 37 -2.30 15.63 7.69
CA SER B 37 -1.59 14.39 7.76
C SER B 37 -1.00 14.26 9.17
N PRO B 38 -0.87 13.03 9.69
CA PRO B 38 -0.20 13.00 10.99
C PRO B 38 1.32 12.79 10.90
N ILE B 39 1.90 13.01 9.73
CA ILE B 39 3.33 12.71 9.53
C ILE B 39 4.12 14.02 9.40
N SER B 40 5.27 14.07 10.07
CA SER B 40 6.23 15.15 9.93
C SER B 40 7.04 15.05 8.64
N LEU B 41 7.41 16.22 8.12
CA LEU B 41 8.32 16.33 6.96
C LEU B 41 9.74 15.80 7.18
N THR B 42 10.21 15.71 8.42
CA THR B 42 11.53 15.03 8.66
C THR B 42 11.49 13.56 8.19
N GLU B 43 10.30 12.94 8.15
CA GLU B 43 10.15 11.56 7.70
C GLU B 43 10.29 11.35 6.17
N PHE B 44 10.08 12.40 5.39
CA PHE B 44 10.12 12.24 3.93
C PHE B 44 11.50 11.84 3.45
N SER B 45 12.54 12.10 4.24
CA SER B 45 13.92 11.68 3.85
C SER B 45 14.01 10.17 3.58
N GLN B 46 13.22 9.36 4.29
CA GLN B 46 13.20 7.89 4.03
C GLN B 46 12.83 7.52 2.58
N TYR B 47 12.22 8.46 1.86
CA TYR B 47 11.70 8.15 0.56
C TYR B 47 12.79 8.04 -0.44
N TRP B 48 14.01 8.46 -0.03
CA TRP B 48 15.16 8.19 -0.90
C TRP B 48 15.64 6.77 -1.01
N ALA B 49 15.16 5.82 -0.22
CA ALA B 49 15.73 4.45 -0.30
C ALA B 49 14.80 3.30 0.06
N GLU B 50 13.53 3.42 -0.31
CA GLU B 50 12.60 2.35 -0.04
C GLU B 50 12.74 1.11 -0.93
N HIS B 51 13.72 1.09 -1.85
CA HIS B 51 14.06 -0.15 -2.54
C HIS B 51 15.51 -0.45 -2.30
N PRO B 52 15.80 -1.01 -1.11
CA PRO B 52 17.14 -1.25 -0.59
C PRO B 52 18.08 -1.83 -1.68
N GLU B 53 17.56 -2.74 -2.51
CA GLU B 53 18.35 -3.43 -3.57
C GLU B 53 18.68 -2.51 -4.76
N LEU B 54 17.85 -1.50 -5.00
CA LEU B 54 18.13 -0.58 -6.09
C LEU B 54 19.15 0.44 -5.60
N PHE B 55 19.06 0.80 -4.33
CA PHE B 55 19.95 1.79 -3.73
C PHE B 55 21.43 1.28 -3.77
N LEU B 56 21.59 -0.03 -3.55
CA LEU B 56 22.88 -0.68 -3.35
C LEU B 56 23.49 -1.30 -4.57
N GLU B 57 22.67 -1.54 -5.59
CA GLU B 57 23.06 -2.24 -6.81
C GLU B 57 24.31 -1.71 -7.51
N PRO B 58 24.42 -0.38 -7.70
CA PRO B 58 25.57 0.14 -8.42
C PRO B 58 26.92 -0.25 -7.74
N SER B 59 26.88 -0.47 -6.43
CA SER B 59 28.06 -0.92 -5.70
C SER B 59 28.50 -2.38 -6.00
N PHE B 60 27.66 -3.18 -6.61
CA PHE B 60 28.05 -4.57 -6.88
C PHE B 60 28.58 -4.64 -8.28
N ILE B 61 28.63 -3.49 -8.99
CA ILE B 61 28.93 -3.52 -10.43
C ILE B 61 30.43 -3.17 -10.58
N ASN B 62 31.22 -4.03 -11.23
CA ASN B 62 32.67 -3.69 -11.34
C ASN B 62 33.22 -4.07 -12.73
N ASP B 63 34.50 -3.84 -13.00
CA ASP B 63 35.10 -4.15 -14.31
C ASP B 63 34.96 -5.64 -14.63
N ASP B 64 34.89 -6.45 -13.58
CA ASP B 64 34.84 -7.90 -13.79
C ASP B 64 33.49 -8.56 -13.94
N ASN B 65 32.39 -7.78 -13.78
CA ASN B 65 31.05 -8.36 -13.77
C ASN B 65 29.97 -7.52 -14.46
N TYR B 66 30.29 -6.31 -14.90
CA TYR B 66 29.25 -5.34 -15.26
C TYR B 66 28.24 -5.76 -16.33
N LYS B 67 28.64 -6.68 -17.20
CA LYS B 67 27.72 -7.13 -18.22
C LYS B 67 26.62 -8.03 -17.68
N GLU B 68 26.88 -8.61 -16.54
CA GLU B 68 25.94 -9.43 -15.81
C GLU B 68 25.03 -8.62 -14.93
N HIS B 69 25.25 -7.31 -14.81
CA HIS B 69 24.42 -6.41 -13.99
C HIS B 69 23.85 -5.29 -14.85
N CYS B 70 23.35 -5.61 -16.03
CA CYS B 70 22.67 -4.62 -16.81
C CYS B 70 21.59 -5.38 -17.53
N LEU B 71 20.46 -5.57 -16.85
CA LEU B 71 19.36 -6.40 -17.40
C LEU B 71 18.90 -5.96 -18.74
N ILE B 72 18.73 -4.67 -18.99
CA ILE B 72 18.16 -4.24 -20.24
C ILE B 72 19.26 -4.16 -21.35
N ASP B 73 20.54 -4.30 -20.99
CA ASP B 73 21.61 -4.25 -22.01
C ASP B 73 22.89 -5.05 -21.66
N PRO B 74 22.87 -6.34 -21.94
CA PRO B 74 24.03 -7.21 -21.67
C PRO B 74 25.25 -6.86 -22.48
N GLU B 75 25.10 -5.99 -23.48
CA GLU B 75 26.24 -5.50 -24.23
C GLU B 75 26.42 -4.03 -23.94
N VAL B 76 26.07 -3.60 -22.71
CA VAL B 76 26.40 -2.24 -22.22
C VAL B 76 27.90 -1.99 -22.39
N GLU B 77 28.24 -0.79 -22.85
CA GLU B 77 29.62 -0.50 -23.23
C GLU B 77 30.63 -0.44 -22.08
N SER B 78 30.21 -0.11 -20.86
CA SER B 78 31.15 0.06 -19.75
C SER B 78 30.45 -0.12 -18.43
N PRO B 79 31.23 -0.39 -17.36
CA PRO B 79 30.85 -0.49 -15.94
C PRO B 79 30.33 0.90 -15.51
N GLU B 80 30.88 1.99 -16.07
CA GLU B 80 30.39 3.38 -15.77
C GLU B 80 28.96 3.57 -16.25
N LEU B 81 28.69 3.14 -17.48
CA LEU B 81 27.36 3.27 -18.07
C LEU B 81 26.42 2.29 -17.39
N ALA B 82 26.92 1.10 -17.04
CA ALA B 82 26.08 0.19 -16.21
C ALA B 82 25.64 0.76 -14.86
N ARG B 83 26.55 1.42 -14.15
CA ARG B 83 26.30 2.07 -12.90
C ARG B 83 25.38 3.28 -13.13
N MET B 84 25.58 4.05 -14.21
CA MET B 84 24.61 5.17 -14.49
C MET B 84 23.19 4.68 -14.64
N LEU B 85 23.02 3.65 -15.50
CA LEU B 85 21.76 2.96 -15.63
C LEU B 85 21.15 2.49 -14.31
N ALA B 86 21.97 1.82 -13.46
CA ALA B 86 21.58 1.48 -12.13
C ALA B 86 21.19 2.71 -11.29
N VAL B 87 22.00 3.76 -11.24
CA VAL B 87 21.54 4.94 -10.48
C VAL B 87 20.23 5.57 -10.99
N THR B 88 20.05 5.63 -12.31
CA THR B 88 18.80 6.19 -12.84
C THR B 88 17.55 5.35 -12.47
N LYS B 89 17.72 4.02 -12.48
CA LYS B 89 16.64 3.18 -12.00
C LYS B 89 16.33 3.41 -10.55
N TRP B 90 17.37 3.56 -9.72
CA TRP B 90 17.15 3.81 -8.29
C TRP B 90 16.40 5.11 -8.18
N PHE B 91 16.84 6.11 -8.95
CA PHE B 91 16.23 7.45 -8.84
C PHE B 91 14.71 7.42 -9.24
N ILE B 92 14.44 6.82 -10.38
CA ILE B 92 13.04 6.59 -10.85
C ILE B 92 12.28 5.88 -9.74
N SER B 93 12.91 4.86 -9.14
CA SER B 93 12.25 4.12 -8.07
C SER B 93 11.89 4.99 -6.81
N THR B 94 12.52 6.13 -6.58
CA THR B 94 12.26 6.90 -5.32
C THR B 94 10.96 7.73 -5.51
N LEU B 95 10.60 7.92 -6.78
CA LEU B 95 9.61 8.95 -7.16
C LEU B 95 8.24 8.56 -6.58
N LYS B 96 7.80 7.31 -6.81
CA LYS B 96 6.56 6.85 -6.17
C LYS B 96 6.52 7.03 -4.65
N SER B 97 7.62 6.70 -3.99
CA SER B 97 7.78 6.88 -2.54
C SER B 97 7.57 8.38 -2.21
N GLN B 98 8.35 9.23 -2.87
CA GLN B 98 8.37 10.65 -2.57
C GLN B 98 6.98 11.29 -2.77
N TYR B 99 6.35 10.93 -3.87
CA TYR B 99 5.21 11.74 -4.43
C TYR B 99 3.85 11.07 -4.30
N CYS B 100 3.82 9.78 -3.95
CA CYS B 100 2.52 9.00 -3.96
C CYS B 100 2.13 8.36 -2.62
N SER B 101 3.05 8.37 -1.67
CA SER B 101 2.87 7.60 -0.46
C SER B 101 1.67 8.02 0.34
N ARG B 102 1.45 9.34 0.46
CA ARG B 102 0.24 9.88 1.16
C ARG B 102 -1.05 9.52 0.40
N ASN B 103 -1.03 9.56 -0.94
CA ASN B 103 -2.20 9.07 -1.69
C ASN B 103 -2.61 7.67 -1.30
N GLU B 104 -1.65 6.77 -1.20
CA GLU B 104 -1.96 5.41 -0.83
C GLU B 104 -2.28 5.28 0.63
N SER B 105 -1.51 5.88 1.51
CA SER B 105 -1.78 5.52 2.92
C SER B 105 -2.87 6.36 3.53
N LEU B 106 -3.14 7.56 2.99
CA LEU B 106 -4.10 8.53 3.61
C LEU B 106 -5.30 8.86 2.72
N GLY B 107 -5.23 8.50 1.42
CA GLY B 107 -6.26 8.79 0.44
C GLY B 107 -6.02 9.99 -0.46
N SER B 108 -5.06 10.83 -0.15
CA SER B 108 -4.83 11.94 -1.03
C SER B 108 -3.62 12.59 -0.38
N GLU B 109 -3.01 13.54 -1.03
CA GLU B 109 -2.05 14.39 -0.36
C GLU B 109 -2.73 15.16 0.77
N LYS B 110 -2.06 15.30 1.92
CA LYS B 110 -2.61 16.03 3.09
C LYS B 110 -1.51 16.91 3.69
N LYS B 111 -1.86 17.92 4.47
CA LYS B 111 -0.84 18.83 5.02
C LYS B 111 0.04 18.14 6.08
N PRO B 112 1.36 18.06 5.87
CA PRO B 112 2.12 17.37 6.90
C PRO B 112 2.41 18.30 8.08
N LEU B 113 2.95 17.74 9.15
CA LEU B 113 3.38 18.50 10.30
C LEU B 113 4.62 19.31 9.95
N ASN B 114 4.62 20.58 10.33
CA ASN B 114 5.76 21.45 10.13
C ASN B 114 6.82 21.18 11.23
N PRO B 115 7.95 20.58 10.86
CA PRO B 115 8.93 20.10 11.85
C PRO B 115 9.52 21.19 12.71
N PHE B 116 9.75 20.89 14.00
CA PHE B 116 10.40 21.92 14.78
C PHE B 116 11.91 21.89 14.59
N LEU B 117 12.54 22.99 14.92
CA LEU B 117 13.99 23.10 14.77
C LEU B 117 14.67 22.08 15.67
N GLY B 118 15.72 21.41 15.16
CA GLY B 118 16.35 20.35 15.94
C GLY B 118 15.60 19.01 15.99
N GLU B 119 14.39 18.93 15.42
CA GLU B 119 13.65 17.63 15.27
C GLU B 119 14.45 16.58 14.45
N LEU B 120 14.45 15.34 14.93
CA LEU B 120 15.32 14.27 14.41
C LEU B 120 14.46 13.09 14.05
N PHE B 121 14.84 12.37 12.99
CA PHE B 121 14.16 11.16 12.61
C PHE B 121 15.22 10.15 12.14
N VAL B 122 15.26 8.97 12.79
CA VAL B 122 16.35 8.01 12.51
C VAL B 122 15.77 6.61 12.45
N GLY B 123 16.41 5.72 11.68
CA GLY B 123 15.92 4.36 11.61
C GLY B 123 16.89 3.59 10.70
N LYS B 124 16.56 2.38 10.30
CA LYS B 124 17.44 1.69 9.40
C LYS B 124 16.71 0.67 8.59
N TRP B 125 17.26 0.34 7.44
CA TRP B 125 16.80 -0.82 6.74
C TRP B 125 17.74 -1.96 7.08
N GLU B 126 17.21 -2.96 7.75
CA GLU B 126 18.05 -4.05 8.30
C GLU B 126 18.45 -5.08 7.23
N ASN B 127 17.72 -5.13 6.12
CA ASN B 127 18.05 -6.00 5.01
C ASN B 127 18.33 -7.43 5.49
N LYS B 128 17.44 -7.99 6.31
CA LYS B 128 17.79 -9.26 6.97
C LYS B 128 17.79 -10.44 5.97
N GLU B 129 16.99 -10.36 4.91
CA GLU B 129 16.91 -11.38 3.88
C GLU B 129 18.05 -11.37 2.85
N HIS B 130 19.05 -10.53 3.05
CA HIS B 130 20.14 -10.33 2.08
C HIS B 130 21.36 -9.91 2.84
N PRO B 131 22.06 -10.85 3.49
CA PRO B 131 23.20 -10.44 4.40
C PRO B 131 24.39 -9.79 3.68
N GLU B 132 24.48 -9.96 2.35
CA GLU B 132 25.47 -9.22 1.56
C GLU B 132 25.16 -7.68 1.51
N PHE B 133 23.91 -7.28 1.77
CA PHE B 133 23.56 -5.81 1.82
C PHE B 133 24.16 -5.08 3.02
N GLY B 134 24.03 -5.68 4.20
CA GLY B 134 24.36 -5.01 5.46
C GLY B 134 23.27 -3.98 5.76
N GLU B 135 23.35 -3.35 6.92
CA GLU B 135 22.29 -2.42 7.30
C GLU B 135 22.49 -1.05 6.67
N THR B 136 21.38 -0.43 6.26
CA THR B 136 21.44 0.93 5.73
C THR B 136 20.75 1.90 6.74
N VAL B 137 21.46 2.97 7.12
CA VAL B 137 21.10 3.86 8.28
C VAL B 137 20.47 5.11 7.60
N LEU B 138 19.35 5.59 8.14
CA LEU B 138 18.80 6.90 7.78
C LEU B 138 18.96 7.86 8.97
N LEU B 139 19.53 9.03 8.75
CA LEU B 139 19.53 10.12 9.73
C LEU B 139 18.88 11.35 9.07
N SER B 140 17.93 11.97 9.73
CA SER B 140 17.21 13.12 9.14
C SER B 140 17.02 14.16 10.25
N GLU B 141 17.31 15.43 9.97
CA GLU B 141 17.30 16.44 10.99
C GLU B 141 16.69 17.67 10.34
N GLN B 142 15.75 18.27 11.06
CA GLN B 142 15.28 19.62 10.70
C GLN B 142 16.29 20.72 11.09
N VAL B 143 17.11 21.15 10.12
CA VAL B 143 18.18 22.15 10.38
C VAL B 143 17.73 23.58 10.29
N SER B 144 16.53 23.84 9.79
CA SER B 144 16.00 25.21 9.85
C SER B 144 14.48 25.12 9.94
N HIS B 145 13.87 26.11 10.60
CA HIS B 145 12.44 26.21 10.80
C HIS B 145 11.86 27.39 10.00
N HIS B 146 12.66 28.42 9.79
CA HIS B 146 12.30 29.71 9.16
C HIS B 146 13.42 30.14 8.25
N PRO B 147 13.48 29.60 7.02
CA PRO B 147 12.47 28.67 6.44
C PRO B 147 12.72 27.17 6.81
N PRO B 148 11.68 26.35 6.68
CA PRO B 148 11.78 24.89 6.89
C PRO B 148 12.82 24.27 5.93
N VAL B 149 13.74 23.50 6.51
CA VAL B 149 14.83 22.86 5.74
C VAL B 149 15.09 21.54 6.42
N THR B 150 15.01 20.46 5.63
CA THR B 150 15.33 19.10 6.16
C THR B 150 16.62 18.64 5.55
N ALA B 151 17.55 18.16 6.39
CA ALA B 151 18.80 17.57 5.84
C ALA B 151 18.86 16.08 6.22
N PHE B 152 19.64 15.31 5.47
CA PHE B 152 19.55 13.88 5.62
C PHE B 152 20.77 13.15 5.08
N SER B 153 20.96 11.92 5.56
CA SER B 153 22.03 11.10 5.04
C SER B 153 21.56 9.64 5.15
N ILE B 154 21.84 8.86 4.16
CA ILE B 154 21.41 7.48 4.16
C ILE B 154 22.70 6.75 3.83
N PHE B 155 23.16 5.86 4.73
CA PHE B 155 24.44 5.26 4.47
C PHE B 155 24.53 3.74 4.75
N ASN B 156 25.26 3.04 3.86
CA ASN B 156 25.56 1.61 3.99
C ASN B 156 27.07 1.48 4.09
N ASP B 157 27.56 1.34 5.31
CA ASP B 157 29.01 1.02 5.57
C ASP B 157 29.53 -0.23 4.90
N LYS B 158 28.75 -1.31 4.83
CA LYS B 158 29.31 -2.58 4.32
C LYS B 158 29.66 -2.45 2.85
N ASN B 159 28.78 -1.78 2.07
CA ASN B 159 29.04 -1.59 0.66
C ASN B 159 29.57 -0.20 0.23
N LYS B 160 29.90 0.65 1.19
CA LYS B 160 30.42 1.98 0.94
C LYS B 160 29.51 2.76 0.01
N VAL B 161 28.20 2.72 0.25
CA VAL B 161 27.27 3.59 -0.52
C VAL B 161 26.69 4.61 0.48
N LYS B 162 26.83 5.90 0.18
CA LYS B 162 26.34 6.93 1.07
C LYS B 162 25.69 8.03 0.26
N LEU B 163 24.65 8.58 0.85
CA LEU B 163 23.89 9.65 0.21
C LEU B 163 23.71 10.74 1.23
N GLN B 164 23.71 12.01 0.81
CA GLN B 164 23.38 13.08 1.80
C GLN B 164 22.69 14.14 0.99
N GLY B 165 21.87 14.97 1.65
CA GLY B 165 21.23 16.04 0.87
C GLY B 165 20.41 16.87 1.76
N TYR B 166 19.73 17.89 1.19
CA TYR B 166 18.82 18.63 2.02
C TYR B 166 17.71 19.14 1.12
N ASN B 167 16.59 19.49 1.73
CA ASN B 167 15.45 19.95 0.94
C ASN B 167 14.82 21.22 1.54
N GLN B 168 14.42 22.16 0.66
CA GLN B 168 13.63 23.33 1.07
C GLN B 168 12.66 23.58 -0.10
N ILE B 169 11.52 24.22 0.17
CA ILE B 169 10.68 24.63 -0.93
C ILE B 169 10.23 26.08 -0.85
N LYS B 170 9.76 26.58 -1.99
CA LYS B 170 8.93 27.84 -1.98
C LYS B 170 7.74 27.57 -2.89
N ALA B 171 6.61 28.24 -2.60
CA ALA B 171 5.35 27.95 -3.25
C ALA B 171 4.40 29.15 -3.33
N SER B 172 3.51 29.10 -4.30
CA SER B 172 2.51 30.13 -4.51
C SER B 172 1.36 29.52 -5.28
N PHE B 173 0.20 30.13 -5.19
CA PHE B 173 -0.97 29.58 -5.86
C PHE B 173 -1.26 30.29 -7.16
N THR B 174 -1.67 29.55 -8.16
CA THR B 174 -2.12 30.23 -9.38
C THR B 174 -3.58 30.75 -9.16
N LYS B 175 -4.08 31.54 -10.11
CA LYS B 175 -5.44 32.11 -10.03
C LYS B 175 -6.50 31.03 -9.94
N SER B 176 -6.25 29.90 -10.60
CA SER B 176 -7.13 28.73 -10.54
C SER B 176 -6.88 27.79 -9.34
N LEU B 177 -6.13 28.27 -8.35
CA LEU B 177 -5.91 27.54 -7.09
C LEU B 177 -5.00 26.31 -7.19
N MET B 178 -4.25 26.21 -8.28
CA MET B 178 -3.15 25.24 -8.37
C MET B 178 -1.96 25.69 -7.51
N LEU B 179 -1.45 24.80 -6.66
CA LEU B 179 -0.27 25.13 -5.87
C LEU B 179 0.99 24.75 -6.66
N THR B 180 1.82 25.75 -6.98
CA THR B 180 3.10 25.55 -7.66
C THR B 180 4.25 25.56 -6.65
N VAL B 181 5.14 24.57 -6.77
CA VAL B 181 6.21 24.36 -5.79
C VAL B 181 7.53 24.24 -6.49
N LYS B 182 8.48 25.11 -6.16
CA LYS B 182 9.89 24.92 -6.58
C LYS B 182 10.67 24.27 -5.41
N GLN B 183 11.34 23.16 -5.69
CA GLN B 183 12.33 22.59 -4.73
C GLN B 183 13.70 23.34 -4.80
N PHE B 184 14.42 23.32 -3.69
CA PHE B 184 15.75 23.92 -3.49
C PHE B 184 16.48 22.78 -2.82
N GLY B 185 17.74 22.63 -3.14
CA GLY B 185 18.58 21.62 -2.46
C GLY B 185 19.08 20.67 -3.51
N HIS B 186 19.92 19.74 -3.08
CA HIS B 186 20.42 18.72 -3.98
C HIS B 186 20.81 17.57 -3.13
N THR B 187 21.08 16.45 -3.79
CA THR B 187 21.42 15.18 -3.13
C THR B 187 22.61 14.64 -3.88
N MET B 188 23.55 14.04 -3.10
CA MET B 188 24.78 13.51 -3.62
C MET B 188 24.87 12.06 -3.17
N LEU B 189 25.18 11.20 -4.12
CA LEU B 189 25.29 9.78 -3.87
C LEU B 189 26.69 9.36 -4.26
N ASP B 190 27.32 8.68 -3.31
CA ASP B 190 28.66 8.11 -3.49
C ASP B 190 28.57 6.60 -3.49
N ILE B 191 29.14 5.99 -4.53
CA ILE B 191 29.14 4.53 -4.72
C ILE B 191 30.64 4.30 -4.72
N LYS B 192 31.20 3.91 -3.56
CA LYS B 192 32.67 3.78 -3.42
C LYS B 192 33.28 5.12 -3.79
N ASP B 193 34.20 5.15 -4.76
CA ASP B 193 34.89 6.36 -5.20
C ASP B 193 34.12 7.29 -6.19
N GLU B 194 33.06 6.76 -6.76
CA GLU B 194 32.32 7.40 -7.84
C GLU B 194 31.09 8.15 -7.29
N SER B 195 30.86 9.36 -7.78
CA SER B 195 29.83 10.20 -7.15
C SER B 195 28.75 10.66 -8.15
N TYR B 196 27.53 10.97 -7.65
CA TYR B 196 26.42 11.33 -8.46
C TYR B 196 25.68 12.54 -7.82
N LEU B 197 25.29 13.50 -8.63
CA LEU B 197 24.62 14.70 -8.06
C LEU B 197 23.26 14.68 -8.63
N VAL B 198 22.27 14.66 -7.75
CA VAL B 198 20.89 14.52 -8.17
C VAL B 198 20.17 15.82 -7.76
N THR B 199 19.41 16.36 -8.69
CA THR B 199 18.61 17.56 -8.38
C THR B 199 17.09 17.17 -8.42
N PRO B 200 16.34 17.46 -7.35
CA PRO B 200 14.90 17.22 -7.43
C PRO B 200 14.12 18.20 -8.34
N PRO B 201 12.94 17.74 -8.84
CA PRO B 201 12.22 18.47 -9.82
C PRO B 201 11.23 19.48 -9.20
N PRO B 202 10.81 20.50 -9.97
CA PRO B 202 9.60 21.23 -9.56
C PRO B 202 8.30 20.38 -9.67
N LEU B 203 7.22 20.83 -8.98
CA LEU B 203 5.97 20.14 -8.95
C LEU B 203 4.76 21.06 -8.78
N HIS B 204 3.57 20.49 -8.93
CA HIS B 204 2.39 21.24 -8.64
C HIS B 204 1.37 20.32 -8.06
N ILE B 205 0.48 20.92 -7.29
CA ILE B 205 -0.58 20.15 -6.76
C ILE B 205 -1.88 20.38 -7.51
N GLU B 206 -2.46 19.31 -8.09
CA GLU B 206 -3.79 19.36 -8.75
C GLU B 206 -4.85 18.84 -7.81
N GLY B 207 -6.13 18.98 -8.17
CA GLY B 207 -7.24 18.37 -7.41
C GLY B 207 -7.67 19.18 -6.18
N ILE B 208 -7.17 20.39 -6.03
CA ILE B 208 -7.44 21.23 -4.83
C ILE B 208 -8.88 21.66 -4.84
N LEU B 209 -9.36 22.03 -6.03
CA LEU B 209 -10.75 22.47 -6.18
C LEU B 209 -11.70 21.39 -5.77
N VAL B 210 -11.37 20.15 -6.12
CA VAL B 210 -12.21 19.05 -5.74
C VAL B 210 -11.89 18.34 -4.42
N ALA B 211 -11.00 18.93 -3.59
CA ALA B 211 -10.56 18.34 -2.31
C ALA B 211 -10.05 16.93 -2.50
N SER B 212 -9.26 16.75 -3.54
CA SER B 212 -8.53 15.48 -3.66
C SER B 212 -7.14 15.79 -4.21
N PRO B 213 -6.31 16.50 -3.40
CA PRO B 213 -5.06 16.98 -3.92
C PRO B 213 -4.11 15.80 -4.24
N PHE B 214 -3.33 15.97 -5.30
CA PHE B 214 -2.23 15.02 -5.53
C PHE B 214 -1.06 15.75 -6.18
N VAL B 215 0.08 15.10 -6.17
CA VAL B 215 1.26 15.75 -6.76
C VAL B 215 1.45 15.31 -8.18
N GLU B 216 1.84 16.23 -9.06
CA GLU B 216 2.33 15.91 -10.38
C GLU B 216 3.68 16.65 -10.54
N LEU B 217 4.67 15.99 -11.15
CA LEU B 217 5.98 16.57 -11.44
C LEU B 217 5.96 17.32 -12.75
N GLU B 218 6.89 18.27 -12.89
CA GLU B 218 7.11 19.01 -14.13
C GLU B 218 8.60 19.34 -14.18
N GLY B 219 9.03 20.02 -15.23
CA GLY B 219 10.43 20.51 -15.38
C GLY B 219 11.29 19.29 -15.54
N LYS B 220 12.45 19.33 -14.89
CA LYS B 220 13.62 18.47 -15.16
C LYS B 220 14.38 18.11 -13.89
N SER B 221 14.96 16.90 -13.87
CA SER B 221 15.87 16.50 -12.80
C SER B 221 17.20 16.17 -13.47
N TYR B 222 18.32 16.40 -12.78
CA TYR B 222 19.60 15.98 -13.36
C TYR B 222 20.28 14.95 -12.52
N ILE B 223 21.06 14.09 -13.17
CA ILE B 223 21.91 13.16 -12.43
C ILE B 223 23.24 13.20 -13.17
N GLN B 224 24.17 13.90 -12.57
CA GLN B 224 25.53 14.11 -13.14
C GLN B 224 26.50 13.32 -12.30
N SER B 225 27.29 12.52 -13.00
CA SER B 225 28.26 11.61 -12.42
C SER B 225 29.66 12.15 -12.52
N SER B 226 30.51 11.76 -11.57
CA SER B 226 31.94 12.05 -11.66
C SER B 226 32.50 11.36 -12.89
N THR B 227 31.84 10.37 -13.45
CA THR B 227 32.41 9.70 -14.63
C THR B 227 32.15 10.55 -15.89
N GLY B 228 31.46 11.71 -15.73
CA GLY B 228 31.07 12.52 -16.92
C GLY B 228 29.71 12.18 -17.50
N LEU B 229 29.24 10.95 -17.29
CA LEU B 229 27.89 10.57 -17.74
C LEU B 229 26.81 11.47 -17.07
N LEU B 230 25.73 11.74 -17.83
CA LEU B 230 24.64 12.63 -17.38
C LEU B 230 23.31 12.07 -17.81
N CYS B 231 22.40 12.02 -16.86
CA CYS B 231 21.05 11.65 -17.09
C CYS B 231 20.19 12.92 -16.94
N VAL B 232 19.39 13.19 -17.97
CA VAL B 232 18.35 14.27 -17.93
C VAL B 232 16.95 13.65 -17.93
N ILE B 233 16.15 14.03 -16.93
CA ILE B 233 14.84 13.46 -16.73
C ILE B 233 13.83 14.62 -16.84
N GLU B 234 12.90 14.47 -17.76
CA GLU B 234 11.90 15.49 -18.04
C GLU B 234 10.56 14.94 -17.65
N PHE B 235 9.78 15.72 -16.93
CA PHE B 235 8.51 15.20 -16.36
C PHE B 235 7.31 15.88 -16.98
N SER B 236 6.15 15.22 -16.97
CA SER B 236 4.90 15.68 -17.65
C SER B 236 3.73 14.92 -17.11
N GLY B 237 2.50 15.44 -17.33
CA GLY B 237 1.28 14.73 -16.97
C GLY B 237 0.16 14.80 -18.01
N LYS B 244 -0.73 11.41 -20.12
CA LYS B 244 -0.74 10.47 -19.00
C LYS B 244 -0.06 11.07 -17.74
N LYS B 245 -0.76 10.97 -16.61
CA LYS B 245 -0.30 11.45 -15.33
C LYS B 245 1.00 10.76 -15.08
N ASN B 246 1.87 11.45 -14.34
CA ASN B 246 3.10 10.88 -13.78
C ASN B 246 4.11 10.37 -14.82
N SER B 247 4.22 11.06 -15.94
CA SER B 247 5.00 10.50 -16.98
C SER B 247 6.36 11.20 -17.03
N PHE B 248 7.34 10.51 -17.63
CA PHE B 248 8.68 11.10 -17.78
C PHE B 248 9.40 10.59 -19.04
N LYS B 249 10.43 11.32 -19.43
CA LYS B 249 11.40 10.74 -20.34
C LYS B 249 12.81 11.01 -19.79
N ALA B 250 13.68 10.04 -19.88
CA ALA B 250 15.00 10.21 -19.37
C ALA B 250 15.96 9.81 -20.50
N ARG B 251 17.00 10.63 -20.69
CA ARG B 251 18.08 10.42 -21.64
C ARG B 251 19.46 10.52 -20.92
N ILE B 252 20.31 9.54 -21.22
CA ILE B 252 21.61 9.48 -20.69
C ILE B 252 22.64 9.87 -21.77
N TYR B 253 23.57 10.72 -21.40
CA TYR B 253 24.57 11.23 -22.37
C TYR B 253 25.95 10.94 -21.93
N LYS B 254 26.84 10.81 -22.92
CA LYS B 254 28.27 10.47 -22.72
C LYS B 254 28.84 11.63 -21.93
N ASP B 255 28.48 12.84 -22.33
CA ASP B 255 28.75 13.92 -21.45
C ASP B 255 27.85 15.10 -21.65
N SER B 256 28.00 16.05 -20.72
CA SER B 256 26.93 17.01 -20.55
C SER B 256 26.80 17.98 -21.74
N LYS B 257 27.89 18.17 -22.47
CA LYS B 257 27.85 18.93 -23.74
C LYS B 257 26.92 18.36 -24.76
N ASP B 258 26.76 17.04 -24.82
CA ASP B 258 25.85 16.43 -25.78
C ASP B 258 24.38 16.57 -25.37
N SER B 259 24.10 17.01 -24.15
CA SER B 259 22.71 16.89 -23.61
C SER B 259 21.66 17.80 -24.25
N LYS B 260 22.07 18.77 -25.06
CA LYS B 260 21.05 19.53 -25.88
C LYS B 260 20.42 18.73 -27.04
N ASP B 261 21.14 17.74 -27.53
CA ASP B 261 20.75 17.11 -28.76
C ASP B 261 20.35 15.68 -28.42
N LYS B 262 19.04 15.49 -28.30
CA LYS B 262 18.41 14.17 -28.11
C LYS B 262 19.01 13.02 -28.92
N GLU B 263 19.44 13.29 -30.15
CA GLU B 263 19.93 12.28 -31.07
C GLU B 263 21.24 11.70 -30.53
N LYS B 264 21.88 12.43 -29.64
CA LYS B 264 23.10 11.94 -29.06
C LYS B 264 22.94 11.09 -27.81
N ALA B 265 21.70 10.79 -27.42
CA ALA B 265 21.46 10.02 -26.18
C ALA B 265 21.85 8.54 -26.40
N LEU B 266 22.68 8.02 -25.50
CA LEU B 266 23.03 6.60 -25.44
C LEU B 266 21.77 5.74 -25.24
N TYR B 267 20.90 6.16 -24.34
CA TYR B 267 19.63 5.43 -24.12
C TYR B 267 18.50 6.43 -23.91
N THR B 268 17.25 5.99 -24.17
CA THR B 268 16.09 6.84 -23.89
C THR B 268 15.06 6.01 -23.14
N ILE B 269 14.64 6.50 -21.97
CA ILE B 269 13.67 5.79 -21.15
C ILE B 269 12.38 6.63 -21.15
N SER B 270 11.22 5.98 -21.28
CA SER B 270 9.94 6.70 -21.32
C SER B 270 8.82 5.88 -20.70
N GLY B 271 7.86 6.53 -19.99
CA GLY B 271 6.83 5.83 -19.33
C GLY B 271 6.30 6.62 -18.14
N GLN B 272 5.69 5.95 -17.20
CA GLN B 272 5.20 6.65 -15.99
C GLN B 272 6.09 6.22 -14.80
N TRP B 273 6.49 7.17 -13.94
CA TRP B 273 7.32 6.80 -12.72
C TRP B 273 6.51 6.13 -11.66
N SER B 274 5.18 6.18 -11.80
CA SER B 274 4.33 5.51 -10.78
C SER B 274 3.83 4.19 -11.31
N GLY B 275 4.30 3.80 -12.50
CA GLY B 275 3.93 2.50 -13.11
C GLY B 275 5.05 1.97 -13.99
N SER B 276 4.83 1.72 -15.27
CA SER B 276 5.99 1.17 -16.04
C SER B 276 6.66 2.10 -17.10
N SER B 277 7.91 1.77 -17.45
CA SER B 277 8.66 2.55 -18.37
C SER B 277 9.56 1.57 -19.11
N LYS B 278 9.84 1.93 -20.36
CA LYS B 278 10.61 1.07 -21.24
C LYS B 278 11.86 1.86 -21.65
N ILE B 279 12.90 1.14 -22.06
CA ILE B 279 14.11 1.76 -22.51
C ILE B 279 14.45 1.34 -23.96
N ILE B 280 15.11 2.22 -24.71
CA ILE B 280 15.54 1.94 -26.09
C ILE B 280 16.97 2.43 -26.15
N LYS B 281 17.86 1.59 -26.64
CA LYS B 281 19.27 1.97 -26.86
C LYS B 281 19.43 2.72 -28.21
N ALA B 282 20.33 3.70 -28.21
CA ALA B 282 20.97 4.30 -29.42
C ALA B 282 20.02 5.10 -30.24
N SER B 288 12.92 -2.18 -27.79
CA SER B 288 12.68 -1.71 -26.41
C SER B 288 12.55 -2.81 -25.34
N ARG B 289 12.81 -2.49 -24.07
CA ARG B 289 12.84 -3.45 -22.98
C ARG B 289 12.24 -2.78 -21.77
N LEU B 290 11.62 -3.59 -20.88
CA LEU B 290 11.02 -3.06 -19.64
C LEU B 290 12.11 -2.50 -18.74
N PHE B 291 12.06 -1.22 -18.39
CA PHE B 291 13.13 -0.61 -17.54
C PHE B 291 12.81 -0.69 -16.03
N TYR B 292 11.58 -0.26 -15.70
CA TYR B 292 11.19 -0.32 -14.27
C TYR B 292 9.72 -0.40 -14.26
N ASP B 293 9.21 -1.22 -13.35
CA ASP B 293 7.74 -1.27 -13.18
C ASP B 293 7.34 -1.04 -11.73
N ALA B 294 6.87 0.16 -11.39
CA ALA B 294 6.71 0.48 -9.93
C ALA B 294 5.60 -0.38 -9.29
N ALA B 295 4.63 -0.84 -10.10
CA ALA B 295 3.64 -1.84 -9.63
C ALA B 295 4.24 -3.23 -9.17
N ARG B 296 5.34 -3.69 -9.79
CA ARG B 296 5.86 -5.00 -9.47
C ARG B 296 6.77 -5.02 -8.24
N ILE B 297 7.10 -3.86 -7.70
CA ILE B 297 8.20 -3.81 -6.72
C ILE B 297 7.73 -3.09 -5.44
N PRO B 298 7.36 -3.85 -4.42
CA PRO B 298 6.78 -3.10 -3.32
C PRO B 298 7.82 -2.33 -2.55
N ALA B 299 7.41 -1.19 -2.02
CA ALA B 299 8.33 -0.45 -1.10
C ALA B 299 8.66 -1.30 0.11
N GLU B 300 9.82 -1.04 0.71
CA GLU B 300 10.19 -1.61 1.97
C GLU B 300 10.41 -0.47 2.95
N HIS B 301 9.67 -0.53 4.05
CA HIS B 301 9.64 0.56 5.03
C HIS B 301 10.75 0.45 5.96
N LEU B 302 11.30 1.56 6.38
CA LEU B 302 12.42 1.47 7.27
C LEU B 302 11.98 0.99 8.66
N ASN B 303 12.89 0.34 9.34
CA ASN B 303 12.70 0.05 10.75
C ASN B 303 12.98 1.20 11.70
N VAL B 304 11.95 1.58 12.44
CA VAL B 304 12.07 2.64 13.43
C VAL B 304 11.83 2.00 14.81
N LYS B 305 12.59 2.44 15.80
CA LYS B 305 12.35 1.76 17.07
C LYS B 305 11.00 2.11 17.70
N PRO B 306 10.44 1.18 18.53
CA PRO B 306 9.17 1.44 19.23
C PRO B 306 9.19 2.77 20.01
N LEU B 307 8.03 3.40 20.11
CA LEU B 307 7.91 4.71 20.76
C LEU B 307 8.54 4.80 22.19
N GLU B 308 8.47 3.72 22.98
CA GLU B 308 9.07 3.68 24.34
C GLU B 308 10.58 3.91 24.37
N GLU B 309 11.27 3.55 23.29
CA GLU B 309 12.72 3.75 23.20
C GLU B 309 13.15 5.07 22.57
N GLN B 310 12.20 5.80 21.98
CA GLN B 310 12.56 7.02 21.29
C GLN B 310 12.78 8.12 22.30
N HIS B 311 13.89 8.83 22.08
CA HIS B 311 14.21 10.11 22.70
C HIS B 311 13.17 11.18 22.33
N PRO B 312 12.82 12.06 23.30
CA PRO B 312 11.81 13.15 23.10
C PRO B 312 11.98 13.97 21.78
N LEU B 313 13.21 14.19 21.35
CA LEU B 313 13.51 14.87 20.10
C LEU B 313 13.16 14.14 18.79
N GLU B 314 12.97 12.83 18.84
CA GLU B 314 12.57 12.07 17.66
C GLU B 314 11.09 12.27 17.23
N SER B 315 10.93 12.43 15.92
CA SER B 315 9.67 12.90 15.31
C SER B 315 8.43 12.19 15.83
N ARG B 316 8.42 10.86 15.71
CA ARG B 316 7.20 10.16 16.04
C ARG B 316 6.83 10.30 17.53
N LYS B 317 7.86 10.35 18.39
CA LYS B 317 7.68 10.57 19.85
C LYS B 317 7.17 11.99 20.09
N ALA B 318 7.84 12.96 19.49
CA ALA B 318 7.54 14.37 19.65
C ALA B 318 6.11 14.74 19.22
N TRP B 319 5.61 14.10 18.17
CA TRP B 319 4.36 14.52 17.56
C TRP B 319 3.21 13.63 17.97
N TYR B 320 3.46 12.78 18.96
CA TYR B 320 2.56 11.68 19.24
C TYR B 320 1.11 12.04 19.63
N ASP B 321 0.94 13.01 20.52
CA ASP B 321 -0.43 13.40 20.92
C ASP B 321 -1.09 14.18 19.78
N VAL B 322 -0.31 15.02 19.09
CA VAL B 322 -0.84 15.67 17.88
C VAL B 322 -1.42 14.64 16.86
N ALA B 323 -0.72 13.55 16.57
CA ALA B 323 -1.21 12.66 15.52
C ALA B 323 -2.51 11.98 15.92
N GLY B 324 -2.66 11.73 17.23
CA GLY B 324 -3.85 11.13 17.82
C GLY B 324 -5.06 12.02 17.65
N ALA B 325 -4.90 13.30 18.00
CA ALA B 325 -5.90 14.35 17.75
C ALA B 325 -6.39 14.38 16.29
N ILE B 326 -5.45 14.26 15.37
CA ILE B 326 -5.74 14.53 14.00
C ILE B 326 -6.54 13.31 13.53
N LYS B 327 -6.09 12.11 13.92
CA LYS B 327 -6.86 10.89 13.64
C LYS B 327 -8.28 10.93 14.25
N LEU B 328 -8.42 11.51 15.44
CA LEU B 328 -9.73 11.74 16.05
C LEU B 328 -10.49 12.80 15.21
N GLY B 329 -9.74 13.71 14.57
CA GLY B 329 -10.30 14.81 13.77
C GLY B 329 -10.80 15.97 14.60
N ASP B 330 -10.24 16.11 15.80
CA ASP B 330 -10.79 16.99 16.81
C ASP B 330 -10.18 18.41 16.82
N PHE B 331 -10.90 19.40 16.28
CA PHE B 331 -10.42 20.81 16.23
C PHE B 331 -9.66 21.29 17.47
N ASN B 332 -10.26 21.07 18.65
CA ASN B 332 -9.79 21.65 19.90
C ASN B 332 -8.62 20.91 20.50
N LEU B 333 -8.78 19.58 20.52
CA LEU B 333 -7.72 18.65 20.89
C LEU B 333 -6.44 18.87 20.06
N ILE B 334 -6.60 19.12 18.75
CA ILE B 334 -5.45 19.50 17.86
C ILE B 334 -4.75 20.76 18.35
N ALA B 335 -5.50 21.86 18.48
CA ALA B 335 -4.87 23.12 18.94
C ALA B 335 -4.27 22.97 20.35
N LYS B 336 -4.96 22.21 21.21
CA LYS B 336 -4.45 21.92 22.56
C LYS B 336 -3.13 21.11 22.53
N THR B 337 -3.18 19.87 22.02
CA THR B 337 -1.95 19.01 21.98
C THR B 337 -0.80 19.70 21.21
N LYS B 338 -1.15 20.45 20.16
CA LYS B 338 -0.20 21.31 19.48
C LYS B 338 0.53 22.29 20.44
N THR B 339 -0.21 22.98 21.29
CA THR B 339 0.39 24.04 22.12
C THR B 339 1.19 23.40 23.25
N GLU B 340 0.66 22.28 23.76
CA GLU B 340 1.44 21.48 24.71
C GLU B 340 2.77 21.11 24.08
N LEU B 341 2.75 20.66 22.80
CA LEU B 341 4.00 20.25 22.12
C LEU B 341 5.07 21.32 22.10
N GLU B 342 4.69 22.56 21.81
CA GLU B 342 5.68 23.63 21.72
C GLU B 342 6.33 23.91 23.08
N GLU B 343 5.54 23.67 24.14
CA GLU B 343 6.02 23.75 25.53
C GLU B 343 7.04 22.64 25.85
N THR B 344 6.63 21.37 25.72
CA THR B 344 7.59 20.25 25.85
C THR B 344 8.89 20.60 25.17
N GLN B 345 8.76 20.99 23.91
CA GLN B 345 9.90 21.21 23.03
C GLN B 345 10.81 22.36 23.41
N ARG B 346 10.24 23.46 23.93
CA ARG B 346 11.05 24.55 24.44
C ARG B 346 11.74 24.09 25.78
N GLU B 347 10.98 23.39 26.61
CA GLU B 347 11.57 22.81 27.82
C GLU B 347 12.73 21.87 27.47
N LEU B 348 12.43 20.88 26.59
CA LEU B 348 13.37 19.84 26.10
C LEU B 348 14.70 20.40 25.54
N ARG B 349 14.65 21.56 24.92
CA ARG B 349 15.87 22.16 24.35
C ARG B 349 16.79 22.66 25.42
N LYS B 350 16.28 22.81 26.64
CA LYS B 350 17.02 23.57 27.61
C LYS B 350 18.33 22.91 28.11
N GLU B 351 18.22 21.66 28.57
CA GLU B 351 19.37 20.75 28.79
C GLU B 351 20.52 20.82 27.78
N GLU B 352 20.16 20.70 26.49
CA GLU B 352 21.11 20.41 25.43
C GLU B 352 22.20 21.48 25.18
N GLU B 353 21.88 22.74 25.50
CA GLU B 353 22.88 23.80 25.51
C GLU B 353 23.82 23.70 26.72
N ALA B 354 23.27 23.26 27.85
CA ALA B 354 24.02 23.02 29.09
C ALA B 354 25.19 22.07 28.84
N LYS B 355 24.91 21.02 28.05
CA LYS B 355 25.90 20.02 27.72
C LYS B 355 26.49 20.32 26.32
N GLY B 356 26.68 21.62 26.05
CA GLY B 356 27.27 22.16 24.80
C GLY B 356 27.03 21.35 23.54
N ILE B 357 25.85 20.74 23.43
CA ILE B 357 25.34 20.02 22.25
C ILE B 357 24.66 21.03 21.30
N SER B 358 25.28 21.31 20.14
CA SER B 358 24.62 22.19 19.17
C SER B 358 23.43 21.47 18.53
N TRP B 359 22.44 21.14 19.38
CA TRP B 359 21.14 20.54 18.98
C TRP B 359 20.56 21.09 17.68
N GLN B 360 21.16 22.19 17.21
CA GLN B 360 20.67 22.98 16.09
C GLN B 360 21.32 22.62 14.78
N ARG B 361 22.55 22.18 14.91
CA ARG B 361 23.40 21.86 13.79
C ARG B 361 24.07 20.56 14.25
N ARG B 362 23.24 19.55 14.57
CA ARG B 362 23.61 18.33 15.26
C ARG B 362 24.51 17.35 14.47
N TRP B 363 24.15 17.06 13.21
CA TRP B 363 24.88 16.11 12.37
C TRP B 363 25.20 16.69 11.04
N PHE B 364 24.72 17.92 10.82
CA PHE B 364 24.86 18.61 9.52
C PHE B 364 25.31 20.05 9.79
N LYS B 365 26.20 20.60 8.96
CA LYS B 365 26.62 22.01 9.12
C LYS B 365 26.39 22.75 7.80
N ASP B 366 26.22 24.07 7.86
CA ASP B 366 25.88 24.87 6.72
C ASP B 366 27.17 25.48 6.18
N PHE B 367 27.61 25.03 5.02
CA PHE B 367 28.86 25.46 4.43
C PHE B 367 28.55 26.56 3.44
N ASP B 368 29.48 27.50 3.34
CA ASP B 368 29.24 28.73 2.54
C ASP B 368 30.05 28.61 1.29
N TYR B 369 29.37 28.39 0.16
CA TYR B 369 30.01 28.21 -1.12
C TYR B 369 30.20 29.55 -1.80
N SER B 370 29.83 30.63 -1.13
CA SER B 370 30.03 32.01 -1.65
C SER B 370 31.47 32.32 -2.05
N VAL B 371 31.60 33.33 -2.89
CA VAL B 371 32.89 33.91 -3.21
C VAL B 371 33.20 34.93 -2.11
N THR B 372 32.26 35.14 -1.21
CA THR B 372 32.36 36.15 -0.17
C THR B 372 31.93 35.62 1.23
N PRO B 373 32.60 34.60 1.76
CA PRO B 373 31.99 34.06 2.96
C PRO B 373 32.40 34.88 4.20
N GLU B 374 31.59 34.86 5.26
CA GLU B 374 31.94 35.54 6.52
C GLU B 374 33.20 34.94 7.14
N GLU B 375 33.93 35.78 7.89
CA GLU B 375 35.12 35.43 8.71
C GLU B 375 35.47 33.95 8.85
N GLY B 376 34.79 33.30 9.80
CA GLY B 376 35.09 31.91 10.14
C GLY B 376 33.96 30.98 9.77
N ALA B 377 33.38 31.24 8.60
CA ALA B 377 32.40 30.35 8.02
C ALA B 377 33.10 29.08 7.61
N LEU B 378 32.41 27.93 7.80
CA LEU B 378 32.82 26.66 7.11
C LEU B 378 32.69 26.83 5.60
N VAL B 379 33.77 26.55 4.85
CA VAL B 379 33.81 26.73 3.37
C VAL B 379 34.17 25.38 2.72
N PRO B 380 33.83 25.18 1.45
CA PRO B 380 34.21 23.89 0.89
C PRO B 380 35.71 23.61 0.76
N GLU B 381 35.99 22.31 0.78
CA GLU B 381 37.30 21.77 0.79
C GLU B 381 37.87 21.80 -0.61
N LYS B 382 39.19 21.59 -0.68
CA LYS B 382 39.98 21.69 -1.92
C LYS B 382 39.25 21.00 -3.09
N ASP B 383 39.06 19.69 -2.97
CA ASP B 383 38.52 18.92 -4.08
C ASP B 383 37.00 18.61 -3.89
N ASP B 384 36.22 19.63 -3.58
CA ASP B 384 34.81 19.45 -3.21
C ASP B 384 33.98 18.74 -4.27
N THR B 385 33.27 17.69 -3.86
CA THR B 385 32.49 16.87 -4.83
C THR B 385 31.38 17.70 -5.53
N PHE B 386 30.67 18.49 -4.77
CA PHE B 386 29.61 19.31 -5.36
C PHE B 386 30.09 20.30 -6.42
N LEU B 387 31.10 21.09 -6.04
CA LEU B 387 31.69 22.01 -6.98
C LEU B 387 32.12 21.32 -8.25
N LYS B 388 32.73 20.15 -8.13
CA LYS B 388 33.21 19.51 -9.33
C LYS B 388 32.03 18.93 -10.18
N LEU B 389 30.97 18.41 -9.54
CA LEU B 389 29.79 17.91 -10.34
C LEU B 389 28.94 19.05 -10.92
N ALA B 390 28.72 20.08 -10.11
CA ALA B 390 27.99 21.29 -10.56
C ALA B 390 28.71 21.92 -11.79
N SER B 391 30.04 21.92 -11.74
CA SER B 391 30.86 22.45 -12.85
C SER B 391 30.68 21.63 -14.13
N ALA B 392 30.68 20.29 -13.98
CA ALA B 392 30.47 19.42 -15.13
C ALA B 392 29.08 19.68 -15.73
N LEU B 393 28.07 19.88 -14.88
CA LEU B 393 26.70 20.08 -15.33
C LEU B 393 26.40 21.52 -15.78
N ASN B 394 27.31 22.45 -15.45
CA ASN B 394 27.13 23.90 -15.56
C ASN B 394 25.98 24.34 -14.59
N LEU B 395 25.95 23.70 -13.42
CA LEU B 395 24.85 23.88 -12.48
C LEU B 395 25.18 25.09 -11.60
N SER B 396 24.19 25.95 -11.36
CA SER B 396 24.39 27.08 -10.45
C SER B 396 24.73 26.55 -9.03
N THR B 397 25.67 27.18 -8.31
CA THR B 397 26.02 26.76 -6.93
C THR B 397 25.39 27.67 -5.84
N LYS B 398 24.51 28.59 -6.26
CA LYS B 398 23.84 29.46 -5.31
C LYS B 398 22.54 28.81 -4.77
N ASN B 399 21.88 29.47 -3.81
CA ASN B 399 20.61 28.95 -3.36
C ASN B 399 19.46 29.27 -4.35
N ALA B 400 19.61 28.80 -5.57
CA ALA B 400 18.57 28.99 -6.51
C ALA B 400 17.70 27.69 -6.58
N PRO B 401 16.53 27.73 -7.24
CA PRO B 401 15.71 26.48 -7.39
C PRO B 401 16.55 25.29 -7.91
N SER B 402 16.32 24.08 -7.36
CA SER B 402 17.08 22.90 -7.76
C SER B 402 17.11 22.80 -9.30
N GLY B 403 18.27 22.47 -9.88
CA GLY B 403 18.41 22.28 -11.31
C GLY B 403 18.73 23.58 -12.04
N THR B 404 18.83 24.70 -11.33
CA THR B 404 18.99 25.98 -12.02
C THR B 404 20.43 25.98 -12.60
N LEU B 405 20.58 26.33 -13.89
CA LEU B 405 21.91 26.39 -14.51
C LEU B 405 22.58 27.75 -14.43
N VAL B 406 23.87 27.75 -14.73
CA VAL B 406 24.63 29.01 -14.69
C VAL B 406 24.10 29.95 -15.76
N GLY B 407 23.86 31.20 -15.38
CA GLY B 407 23.36 32.15 -16.36
C GLY B 407 21.85 32.21 -16.40
N ASP B 408 21.16 31.30 -15.71
CA ASP B 408 19.71 31.38 -15.63
C ASP B 408 19.39 32.56 -14.74
N LYS B 409 18.10 32.95 -14.73
CA LYS B 409 17.72 34.23 -14.18
C LYS B 409 17.94 34.21 -12.67
N GLU B 410 17.46 33.14 -11.98
CA GLU B 410 17.84 32.91 -10.57
C GLU B 410 19.36 32.94 -10.28
N ASP B 411 20.17 32.26 -11.10
CA ASP B 411 21.62 32.28 -10.89
C ASP B 411 22.26 33.70 -11.04
N ARG B 412 21.52 34.61 -11.67
CA ARG B 412 22.06 35.92 -11.99
C ARG B 412 21.89 36.95 -10.84
N LYS B 413 21.13 36.63 -9.81
CA LYS B 413 21.04 37.55 -8.66
C LYS B 413 22.33 37.61 -7.84
N GLU B 414 22.98 38.78 -7.87
CA GLU B 414 24.00 39.07 -6.86
C GLU B 414 23.20 39.23 -5.56
N ASP B 415 23.89 39.13 -4.44
CA ASP B 415 23.18 39.06 -3.15
C ASP B 415 22.38 37.74 -2.92
N LEU B 416 22.27 36.85 -3.90
CA LEU B 416 21.71 35.50 -3.61
C LEU B 416 22.77 34.62 -2.90
N SER B 417 22.41 34.03 -1.76
CA SER B 417 23.37 33.21 -0.95
C SER B 417 23.68 31.89 -1.62
N SER B 418 24.66 31.20 -1.06
CA SER B 418 25.14 29.91 -1.56
C SER B 418 25.41 28.99 -0.37
N ILE B 419 24.43 28.83 0.50
CA ILE B 419 24.70 28.06 1.74
C ILE B 419 24.13 26.68 1.50
N HIS B 420 24.91 25.62 1.70
CA HIS B 420 24.47 24.21 1.45
C HIS B 420 24.87 23.37 2.67
N TRP B 421 23.94 22.54 3.15
CA TRP B 421 24.11 21.72 4.36
C TRP B 421 24.86 20.47 3.98
N ARG B 422 25.70 19.96 4.87
CA ARG B 422 26.56 18.81 4.54
C ARG B 422 26.59 17.98 5.82
N PHE B 423 26.47 16.68 5.65
CA PHE B 423 26.53 15.69 6.72
C PHE B 423 27.95 15.63 7.24
N GLN B 424 28.14 15.47 8.55
CA GLN B 424 29.48 15.21 9.12
C GLN B 424 29.40 13.89 9.85
N ARG B 425 29.84 12.80 9.19
CA ARG B 425 29.79 11.50 9.77
C ARG B 425 30.32 11.48 11.23
N GLU B 426 31.39 12.22 11.52
CA GLU B 426 32.07 12.15 12.84
C GLU B 426 31.10 12.58 13.88
N LEU B 427 30.18 13.48 13.50
CA LEU B 427 29.26 14.00 14.49
C LEU B 427 28.23 12.99 14.88
N TRP B 428 27.86 12.11 13.95
CA TRP B 428 27.02 10.96 14.29
C TRP B 428 27.81 9.90 15.06
N ASP B 429 29.11 9.79 14.77
CA ASP B 429 29.98 8.74 15.41
C ASP B 429 30.17 9.10 16.89
N GLU B 430 30.12 10.40 17.18
CA GLU B 430 30.21 10.92 18.52
C GLU B 430 28.87 11.24 19.18
N GLU B 431 27.76 10.83 18.55
CA GLU B 431 26.46 11.15 19.09
C GLU B 431 26.33 10.48 20.47
N LYS B 432 25.92 11.27 21.49
CA LYS B 432 25.81 10.81 22.91
C LYS B 432 24.39 10.39 23.36
N GLU B 433 23.34 10.80 22.66
CA GLU B 433 21.99 10.46 23.14
C GLU B 433 21.17 9.58 22.24
N ILE B 434 21.16 9.92 20.96
CA ILE B 434 20.31 9.21 19.98
C ILE B 434 20.97 7.92 19.53
N VAL B 435 20.15 6.88 19.47
CA VAL B 435 20.58 5.54 19.07
C VAL B 435 19.63 5.01 18.00
N LEU B 436 20.06 3.94 17.34
CA LEU B 436 19.24 3.28 16.36
C LEU B 436 18.61 2.08 17.04
I1 L39 C . -1.24 -19.61 -12.06
C18 L39 C . -7.25 -18.89 -6.94
C13 L39 C . -6.33 -18.47 -5.77
C12 L39 C . -6.73 -19.26 -4.46
C11 L39 C . -8.15 -18.83 -3.94
C9 L39 C . -8.32 -17.25 -3.77
C10 L39 C . -9.78 -16.78 -3.36
C19 L39 C . -10.80 -17.37 -4.32
C1 L39 C . -9.95 -17.35 -1.88
C2 L39 C . -11.25 -16.77 -1.22
C3 L39 C . -11.17 -15.26 -1.14
O1 L39 C . -12.36 -14.79 -0.50
C4 L39 C . -10.82 -14.57 -2.54
C5 L39 C . -9.84 -15.31 -3.29
C6 L39 C . -8.83 -14.51 -3.81
C7 L39 C . -7.78 -14.95 -4.63
C8 L39 C . -7.81 -16.41 -5.00
C14 L39 C . -6.36 -16.93 -5.38
C15 L39 C . -5.69 -16.20 -6.54
C16 L39 C . -4.55 -17.27 -6.97
O16 L39 C . -4.06 -17.25 -8.15
C17 L39 C . -4.79 -18.59 -6.18
C20 L39 C . -4.44 -19.89 -6.98
C21 L39 C . -4.63 -21.12 -6.11
C22 L39 C . -2.90 -19.99 -7.14
O22 L39 C . -2.14 -19.27 -6.39
C23 L39 C . -2.47 -20.21 -8.56
C24 L39 C . -0.95 -19.98 -8.62
C25 L39 C . -0.70 -18.60 -9.25
C27 L39 C . 0.05 -17.69 -8.29
C26 L39 C . 0.07 -18.77 -10.56
I1 L39 D . -3.32 22.17 -1.41
C18 L39 D . 4.60 20.50 -1.12
C13 L39 D . 4.36 19.55 0.16
C12 L39 D . 5.43 19.70 1.25
C11 L39 D . 6.78 19.33 0.50
C9 L39 D . 6.87 17.81 0.05
C10 L39 D . 8.27 17.42 -0.60
C19 L39 D . 8.73 18.47 -1.61
C1 L39 D . 9.32 17.36 0.59
C2 L39 D . 10.66 16.78 0.13
C3 L39 D . 10.42 15.41 -0.51
O1 L39 D . 11.72 14.87 -0.88
C4 L39 D . 9.37 15.40 -1.69
C5 L39 D . 8.18 16.11 -1.30
C6 L39 D . 6.98 15.44 -1.49
C7 L39 D . 5.67 15.96 -1.27
C8 L39 D . 5.74 17.54 -0.88
C14 L39 D . 4.38 18.03 -0.20
C15 L39 D . 3.18 17.79 -1.08
C16 L39 D . 2.14 18.74 -0.44
O16 L39 D . 0.98 18.98 -1.05
C17 L39 D . 2.85 19.57 0.68
C20 L39 D . 2.23 20.97 0.92
C21 L39 D . 2.89 21.77 2.06
C22 L39 D . 0.81 20.85 1.40
O22 L39 D . 0.50 19.73 1.95
C23 L39 D . -0.21 21.63 0.58
C24 L39 D . -1.57 21.60 1.37
C25 L39 D . -2.45 20.36 1.04
C27 L39 D . -3.78 20.43 1.85
C26 L39 D . -2.76 20.25 -0.47
#